data_4L22
#
_entry.id   4L22
#
_cell.length_a   119.720
_cell.length_b   85.020
_cell.length_c   84.460
_cell.angle_alpha   90.00
_cell.angle_beta   93.30
_cell.angle_gamma   90.00
#
_symmetry.space_group_name_H-M   'C 1 2 1'
#
loop_
_entity.id
_entity.type
_entity.pdbx_description
1 polymer Phosphorylase
2 water water
#
_entity_poly.entity_id   1
_entity_poly.type   'polypeptide(L)'
_entity_poly.pdbx_seq_one_letter_code
;MTQKTKQFSKYVQEKTGQNLEQLSNEAIYVQLLHFVKEAAKDMPKNTSKRKVYYISAEFLIGKLLSNNLINLGLYKTVKD
ELAAAGKSISQVEDVELEPSLGNGGLGRLASCFIDSMATLGINGEGVGLNYHCGLFKQVFRDNQQEAEPNYWIEDDSWLV
PTAISYDVPFRDFTLKSKLDRIDILGYHKDSKNYLNLFDIDGLDYGLIKDGITFDKTEIKKNLTLFLYPDDSDKNGELLR
IYQQYFMVSNAAQLLIDEALERGSNLHDLADYAYVQINDTHPSMVIPELIRLLNEKHGLDFYEAVDIVKNMIGYTNHTIL
AEALEKWPLEYLNEVVPHLVTIIEHLDRIVRSQYKDDAVQIIDRDDRVHMAHMDIHFSTSVNGVAALHTDILKNSELKPF
YDIYPEKFNNKTNGITFRRWLEFANQDLAAYIKELIGEGYLEDATELEKLLAFADDKTVHEQLAKIKFNNKLALKRYLKE
NKGINLDENSIIDTQIKRFHEYKRQQMNALYVIYKYLEIKKGNLPKRKITVIFGGKAAPAYTIAQDIIHLILCLSELINN
DPDVSPYLNVFLVENYNVTVAEKLIPATDISEQISLASKEASGTGNMKFMLNGALTLGTMDGANVEIAELVGSDNIYIFG
KDSDTIIDLYDKGTYVSKDYYTNNAVIKEAVDFIVSKDVLALGKKERLERLYHELINKDWFMTLIDLKEYIAKKEEMLAD
YEDQNVWNKKVIQNIAKAGFFSSDRTIQQYDKDIWHSL
;
_entity_poly.pdbx_strand_id   A
#
# COMPACT_ATOMS: atom_id res chain seq x y z
N LYS A 6 35.16 -9.59 3.96
CA LYS A 6 35.02 -9.66 2.46
C LYS A 6 34.40 -10.98 2.02
N GLN A 7 33.27 -11.30 2.60
CA GLN A 7 32.61 -12.57 2.39
C GLN A 7 32.06 -12.66 0.93
N PHE A 8 31.44 -11.59 0.44
CA PHE A 8 30.79 -11.63 -0.86
C PHE A 8 31.80 -11.60 -2.00
N SER A 9 32.92 -10.92 -1.77
CA SER A 9 33.97 -10.83 -2.77
C SER A 9 34.57 -12.21 -3.00
N LYS A 10 34.81 -12.93 -1.92
CA LYS A 10 35.38 -14.28 -2.02
C LYS A 10 34.38 -15.20 -2.71
N TYR A 11 33.08 -14.93 -2.52
CA TYR A 11 32.00 -15.70 -3.16
C TYR A 11 31.99 -15.53 -4.65
N VAL A 12 32.19 -14.32 -5.12
CA VAL A 12 32.13 -14.06 -6.53
C VAL A 12 33.30 -14.74 -7.21
N GLN A 13 34.45 -14.68 -6.55
CA GLN A 13 35.63 -15.39 -7.02
C GLN A 13 35.44 -16.89 -7.16
N GLU A 14 34.85 -17.51 -6.14
CA GLU A 14 34.43 -18.90 -6.24
C GLU A 14 33.61 -19.16 -7.51
N LYS A 15 32.45 -18.50 -7.63
CA LYS A 15 31.39 -18.90 -8.58
C LYS A 15 31.62 -18.33 -9.96
N THR A 16 32.51 -17.36 -10.07
CA THR A 16 32.78 -16.67 -11.32
C THR A 16 34.22 -16.77 -11.79
N GLY A 17 35.16 -16.72 -10.84
CA GLY A 17 36.58 -16.72 -11.17
C GLY A 17 37.06 -15.32 -11.46
N GLN A 18 36.24 -14.34 -11.13
CA GLN A 18 36.57 -12.97 -11.41
C GLN A 18 36.38 -12.14 -10.17
N ASN A 19 37.00 -10.95 -10.19
CA ASN A 19 36.89 -9.94 -9.14
C ASN A 19 35.73 -9.02 -9.43
N LEU A 20 35.23 -8.36 -8.39
CA LEU A 20 34.11 -7.45 -8.56
C LEU A 20 34.44 -6.39 -9.58
N GLU A 21 35.71 -5.97 -9.61
CA GLU A 21 36.13 -4.82 -10.42
C GLU A 21 35.80 -5.06 -11.90
N GLN A 22 35.78 -6.31 -12.31
CA GLN A 22 35.68 -6.63 -13.73
C GLN A 22 34.34 -7.25 -14.09
N LEU A 23 33.39 -7.26 -13.18
CA LEU A 23 32.03 -7.70 -13.53
C LEU A 23 31.10 -6.55 -13.82
N SER A 24 30.05 -6.80 -14.60
CA SER A 24 29.04 -5.77 -14.87
C SER A 24 28.04 -5.69 -13.73
N ASN A 25 27.36 -4.56 -13.60
CA ASN A 25 26.30 -4.41 -12.61
C ASN A 25 25.22 -5.50 -12.72
N GLU A 26 24.93 -5.92 -13.93
CA GLU A 26 23.93 -6.97 -14.17
C GLU A 26 24.39 -8.33 -13.63
N ALA A 27 25.63 -8.70 -13.94
CA ALA A 27 26.21 -9.98 -13.48
C ALA A 27 26.40 -10.00 -11.96
N ILE A 28 26.74 -8.86 -11.40
CA ILE A 28 26.88 -8.72 -9.98
C ILE A 28 25.53 -8.92 -9.24
N TYR A 29 24.45 -8.36 -9.82
CA TYR A 29 23.13 -8.55 -9.25
C TYR A 29 22.80 -10.01 -9.16
N VAL A 30 22.91 -10.68 -10.29
CA VAL A 30 22.73 -12.13 -10.32
C VAL A 30 23.53 -12.83 -9.24
N GLN A 31 24.78 -12.45 -9.05
CA GLN A 31 25.63 -13.09 -8.06
C GLN A 31 25.16 -12.81 -6.64
N LEU A 32 24.67 -11.59 -6.42
CA LEU A 32 24.04 -11.27 -5.14
C LEU A 32 22.78 -12.07 -4.94
N LEU A 33 22.00 -12.17 -6.00
CA LEU A 33 20.78 -12.95 -5.94
C LEU A 33 21.07 -14.33 -5.37
N HIS A 34 22.02 -15.03 -5.99
CA HIS A 34 22.36 -16.39 -5.58
C HIS A 34 22.96 -16.36 -4.17
N PHE A 35 23.90 -15.46 -3.96
CA PHE A 35 24.48 -15.32 -2.63
C PHE A 35 23.39 -15.34 -1.55
N VAL A 36 22.38 -14.50 -1.71
CA VAL A 36 21.30 -14.36 -0.72
C VAL A 36 20.39 -15.59 -0.70
N LYS A 37 19.95 -16.07 -1.87
CA LYS A 37 19.06 -17.23 -1.90
C LYS A 37 19.75 -18.40 -1.26
N GLU A 38 21.08 -18.47 -1.35
CA GLU A 38 21.81 -19.56 -0.69
C GLU A 38 21.84 -19.40 0.81
N ALA A 39 22.01 -18.19 1.29
CA ALA A 39 21.96 -17.96 2.73
C ALA A 39 20.60 -18.36 3.30
N ALA A 40 19.54 -18.08 2.56
CA ALA A 40 18.20 -18.24 3.10
C ALA A 40 17.79 -19.71 3.03
N LYS A 41 18.15 -20.35 1.94
CA LYS A 41 17.80 -21.76 1.76
C LYS A 41 18.11 -22.62 3.00
N ASP A 42 19.25 -22.40 3.64
CA ASP A 42 19.67 -23.24 4.77
C ASP A 42 19.11 -22.81 6.11
N MET A 43 18.32 -21.72 6.12
CA MET A 43 17.64 -21.25 7.34
C MET A 43 16.41 -22.07 7.65
N PRO A 44 16.22 -22.46 8.91
CA PRO A 44 15.04 -23.22 9.31
C PRO A 44 13.80 -22.33 9.35
N LYS A 45 12.63 -22.97 9.45
CA LYS A 45 11.35 -22.26 9.61
C LYS A 45 11.12 -21.92 11.05
N ASN A 46 10.14 -21.07 11.33
CA ASN A 46 9.63 -20.94 12.70
C ASN A 46 8.71 -22.10 13.05
N THR A 47 8.63 -22.44 14.35
CA THR A 47 8.09 -23.72 14.79
C THR A 47 6.91 -23.59 15.77
N SER A 48 6.38 -22.37 15.95
CA SER A 48 5.18 -22.20 16.78
C SER A 48 4.10 -23.18 16.31
N LYS A 49 3.50 -23.88 17.28
CA LYS A 49 2.60 -24.98 16.94
C LYS A 49 1.41 -24.49 16.10
N ARG A 50 0.83 -23.36 16.52
CA ARG A 50 -0.27 -22.73 15.79
C ARG A 50 0.24 -21.77 14.71
N LYS A 51 0.21 -22.24 13.48
CA LYS A 51 0.66 -21.43 12.37
C LYS A 51 -0.43 -20.42 11.95
N VAL A 52 -0.01 -19.19 11.71
CA VAL A 52 -0.91 -18.17 11.19
C VAL A 52 -0.81 -18.12 9.67
N TYR A 53 -1.95 -17.95 9.03
CA TYR A 53 -2.03 -17.81 7.58
C TYR A 53 -2.61 -16.45 7.20
N TYR A 54 -1.81 -15.63 6.55
CA TYR A 54 -2.26 -14.29 6.19
C TYR A 54 -2.63 -14.25 4.70
N ILE A 55 -3.92 -14.24 4.39
CA ILE A 55 -4.33 -14.30 2.99
C ILE A 55 -4.65 -12.91 2.55
N SER A 56 -4.07 -12.54 1.39
CA SER A 56 -4.29 -11.23 0.80
C SER A 56 -4.27 -11.32 -0.70
N ALA A 57 -5.15 -10.56 -1.34
CA ALA A 57 -5.23 -10.54 -2.81
C ALA A 57 -4.15 -9.65 -3.42
N GLU A 58 -3.45 -8.90 -2.56
CA GLU A 58 -2.27 -8.14 -2.99
C GLU A 58 -1.12 -8.14 -1.95
N PHE A 59 0.10 -8.22 -2.46
CA PHE A 59 1.29 -8.08 -1.66
C PHE A 59 2.24 -7.14 -2.37
N LEU A 60 2.13 -5.85 -2.07
CA LEU A 60 3.02 -4.83 -2.65
C LEU A 60 4.36 -4.87 -1.96
N ILE A 61 5.17 -5.85 -2.33
CA ILE A 61 6.28 -6.30 -1.50
C ILE A 61 7.56 -5.48 -1.77
N GLY A 62 7.70 -4.96 -2.98
CA GLY A 62 8.88 -4.17 -3.36
C GLY A 62 10.12 -4.99 -3.67
N LYS A 63 11.14 -4.37 -4.22
CA LYS A 63 12.43 -5.03 -4.42
C LYS A 63 12.94 -5.67 -3.15
N LEU A 64 13.58 -6.82 -3.29
CA LEU A 64 13.98 -7.59 -2.13
C LEU A 64 15.49 -7.60 -1.86
N LEU A 65 16.30 -7.30 -2.87
CA LEU A 65 17.73 -7.44 -2.70
C LEU A 65 18.19 -6.75 -1.41
N SER A 66 17.88 -5.47 -1.31
CA SER A 66 18.48 -4.63 -0.30
C SER A 66 17.97 -5.00 1.07
N ASN A 67 16.66 -5.14 1.17
CA ASN A 67 16.04 -5.52 2.42
C ASN A 67 16.51 -6.84 2.93
N ASN A 68 16.65 -7.78 2.04
CA ASN A 68 17.21 -9.07 2.42
C ASN A 68 18.62 -8.92 3.00
N LEU A 69 19.45 -8.16 2.31
CA LEU A 69 20.79 -7.89 2.80
C LEU A 69 20.74 -7.24 4.18
N ILE A 70 19.92 -6.20 4.29
CA ILE A 70 19.77 -5.53 5.60
C ILE A 70 19.41 -6.55 6.73
N ASN A 71 18.47 -7.44 6.43
CA ASN A 71 17.99 -8.39 7.42
C ASN A 71 19.02 -9.48 7.70
N LEU A 72 19.87 -9.75 6.72
CA LEU A 72 21.01 -10.62 6.91
C LEU A 72 22.18 -9.92 7.60
N GLY A 73 22.14 -8.60 7.66
CA GLY A 73 23.19 -7.84 8.32
C GLY A 73 24.39 -7.66 7.42
N LEU A 74 24.19 -7.88 6.12
CA LEU A 74 25.30 -7.91 5.22
C LEU A 74 25.35 -6.72 4.29
N TYR A 75 24.44 -5.77 4.49
CA TYR A 75 24.22 -4.72 3.49
C TYR A 75 25.34 -3.71 3.45
N LYS A 76 25.88 -3.34 4.61
CA LYS A 76 26.99 -2.39 4.66
C LYS A 76 28.29 -3.00 4.08
N THR A 77 28.61 -4.24 4.44
CA THR A 77 29.90 -4.80 4.01
C THR A 77 29.87 -4.94 2.50
N VAL A 78 28.70 -5.27 1.95
CA VAL A 78 28.56 -5.38 0.52
C VAL A 78 28.68 -4.01 -0.14
N LYS A 79 28.01 -3.03 0.42
CA LYS A 79 28.08 -1.68 -0.13
C LYS A 79 29.53 -1.13 -0.17
N ASP A 80 30.28 -1.44 0.88
CA ASP A 80 31.69 -1.11 0.95
C ASP A 80 32.47 -1.83 -0.17
N GLU A 81 32.30 -3.14 -0.30
CA GLU A 81 33.17 -3.90 -1.21
C GLU A 81 32.94 -3.41 -2.64
N LEU A 82 31.70 -3.03 -2.95
CA LEU A 82 31.38 -2.57 -4.30
C LEU A 82 32.04 -1.23 -4.60
N ALA A 83 31.87 -0.28 -3.69
CA ALA A 83 32.55 1.01 -3.79
C ALA A 83 34.08 0.85 -3.92
N ALA A 84 34.69 0.01 -3.11
CA ALA A 84 36.13 -0.27 -3.22
C ALA A 84 36.51 -0.94 -4.54
N ALA A 85 35.54 -1.48 -5.25
CA ALA A 85 35.76 -2.02 -6.57
C ALA A 85 35.41 -1.01 -7.66
N GLY A 86 34.97 0.16 -7.25
CA GLY A 86 34.56 1.19 -8.19
C GLY A 86 33.15 0.96 -8.73
N LYS A 87 32.24 0.50 -7.88
CA LYS A 87 30.86 0.18 -8.27
C LYS A 87 29.81 0.69 -7.29
N SER A 88 28.76 1.29 -7.84
CA SER A 88 27.70 1.87 -7.03
C SER A 88 26.62 0.84 -6.78
N ILE A 89 26.37 0.55 -5.52
CA ILE A 89 25.26 -0.32 -5.20
C ILE A 89 23.92 0.10 -5.82
N SER A 90 23.66 1.40 -5.90
CA SER A 90 22.38 1.84 -6.40
C SER A 90 22.16 1.31 -7.83
N GLN A 91 23.22 1.24 -8.62
CA GLN A 91 23.11 0.79 -10.01
C GLN A 91 22.92 -0.70 -10.10
N VAL A 92 23.41 -1.41 -9.10
CA VAL A 92 23.17 -2.83 -8.99
C VAL A 92 21.73 -3.09 -8.56
N GLU A 93 21.25 -2.24 -7.66
CA GLU A 93 19.85 -2.33 -7.20
C GLU A 93 18.84 -2.07 -8.33
N ASP A 94 19.20 -1.19 -9.26
CA ASP A 94 18.36 -0.87 -10.39
C ASP A 94 18.20 -2.02 -11.39
N VAL A 95 19.07 -3.02 -11.30
CA VAL A 95 18.95 -4.22 -12.11
C VAL A 95 17.67 -5.00 -11.77
N GLU A 96 17.42 -5.25 -10.50
CA GLU A 96 16.19 -5.93 -10.06
C GLU A 96 14.89 -5.25 -10.56
N LEU A 97 13.95 -6.07 -11.01
CA LEU A 97 12.59 -5.57 -11.32
C LEU A 97 11.70 -5.74 -10.11
N GLU A 98 10.93 -4.68 -9.80
CA GLU A 98 10.08 -4.71 -8.63
C GLU A 98 8.95 -5.67 -8.87
N PRO A 99 8.83 -6.70 -8.02
CA PRO A 99 7.71 -7.61 -8.02
C PRO A 99 6.37 -6.92 -8.14
N SER A 100 5.69 -7.11 -9.27
CA SER A 100 4.34 -6.59 -9.52
C SER A 100 3.22 -7.39 -8.85
N LEU A 101 3.33 -7.59 -7.53
CA LEU A 101 2.41 -8.42 -6.74
C LEU A 101 1.43 -7.63 -5.87
N GLY A 102 1.37 -6.32 -6.06
CA GLY A 102 0.45 -5.49 -5.29
C GLY A 102 0.08 -4.19 -5.99
N ASN A 103 -0.75 -3.38 -5.34
CA ASN A 103 -1.15 -2.09 -5.89
C ASN A 103 -1.15 -0.96 -4.88
N GLY A 104 -2.07 -1.01 -3.92
CA GLY A 104 -2.27 0.08 -2.97
C GLY A 104 -1.82 -0.28 -1.56
N GLY A 105 -2.46 0.37 -0.60
CA GLY A 105 -2.06 0.31 0.79
C GLY A 105 -2.38 -1.04 1.36
N LEU A 106 -3.38 -1.70 0.81
CA LEU A 106 -3.74 -3.05 1.25
C LEU A 106 -2.56 -4.02 1.10
N GLY A 107 -1.95 -4.00 -0.06
CA GLY A 107 -0.82 -4.85 -0.32
C GLY A 107 0.39 -4.50 0.51
N ARG A 108 0.65 -3.21 0.63
CA ARG A 108 1.85 -2.79 1.35
C ARG A 108 1.74 -3.16 2.83
N LEU A 109 0.54 -3.00 3.35
CA LEU A 109 0.25 -3.45 4.70
C LEU A 109 0.54 -4.91 4.90
N ALA A 110 0.18 -5.71 3.90
CA ALA A 110 0.49 -7.11 3.95
C ALA A 110 1.99 -7.37 4.01
N SER A 111 2.74 -6.70 3.15
CA SER A 111 4.20 -6.87 3.12
C SER A 111 4.84 -6.52 4.49
N CYS A 112 4.45 -5.33 4.99
CA CYS A 112 4.99 -4.81 6.23
C CYS A 112 4.65 -5.78 7.37
N PHE A 113 3.47 -6.37 7.30
CA PHE A 113 3.02 -7.26 8.34
C PHE A 113 3.79 -8.56 8.31
N ILE A 114 3.94 -9.15 7.14
CA ILE A 114 4.69 -10.43 7.05
C ILE A 114 6.17 -10.25 7.41
N ASP A 115 6.67 -9.05 7.14
CA ASP A 115 8.03 -8.69 7.49
C ASP A 115 8.25 -8.71 9.00
N SER A 116 7.34 -8.07 9.71
CA SER A 116 7.35 -8.06 11.16
C SER A 116 7.15 -9.44 11.74
N MET A 117 6.34 -10.26 11.09
CA MET A 117 6.15 -11.64 11.50
C MET A 117 7.49 -12.33 11.57
N ALA A 118 8.24 -12.25 10.47
CA ALA A 118 9.54 -12.92 10.39
C ALA A 118 10.53 -12.35 11.41
N THR A 119 10.50 -11.03 11.59
CA THR A 119 11.42 -10.35 12.48
C THR A 119 11.13 -10.69 13.94
N LEU A 120 9.87 -10.97 14.26
CA LEU A 120 9.48 -11.32 15.62
C LEU A 120 9.50 -12.86 15.83
N GLY A 121 9.85 -13.60 14.79
CA GLY A 121 9.91 -15.07 14.91
C GLY A 121 8.55 -15.75 15.02
N ILE A 122 7.52 -15.10 14.49
CA ILE A 122 6.20 -15.70 14.45
C ILE A 122 6.15 -16.66 13.28
N ASN A 123 5.59 -17.84 13.54
CA ASN A 123 5.36 -18.80 12.47
C ASN A 123 4.11 -18.39 11.72
N GLY A 124 4.26 -17.39 10.86
CA GLY A 124 3.12 -16.81 10.19
C GLY A 124 3.43 -16.44 8.75
N GLU A 125 2.70 -17.05 7.81
CA GLU A 125 3.03 -16.92 6.41
C GLU A 125 1.89 -16.30 5.62
N GLY A 126 2.26 -15.52 4.63
CA GLY A 126 1.26 -14.96 3.74
C GLY A 126 0.92 -15.90 2.61
N VAL A 127 -0.30 -15.75 2.10
CA VAL A 127 -0.72 -16.52 0.96
C VAL A 127 -1.41 -15.59 0.02
N GLY A 128 -0.97 -15.57 -1.22
CA GLY A 128 -1.61 -14.78 -2.26
C GLY A 128 -1.36 -15.35 -3.63
N LEU A 129 -1.46 -14.51 -4.64
CA LEU A 129 -1.33 -14.95 -6.02
C LEU A 129 -0.09 -14.34 -6.69
N ASN A 130 0.51 -15.12 -7.59
CA ASN A 130 1.69 -14.72 -8.31
C ASN A 130 1.34 -14.03 -9.62
N TYR A 131 0.81 -12.81 -9.50
CA TYR A 131 0.45 -12.00 -10.66
C TYR A 131 1.64 -11.68 -11.53
N HIS A 132 1.57 -12.07 -12.80
CA HIS A 132 2.75 -11.95 -13.68
C HIS A 132 2.84 -10.54 -14.18
N CYS A 133 1.69 -9.90 -14.27
CA CYS A 133 1.61 -8.47 -14.49
C CYS A 133 0.81 -7.91 -13.32
N GLY A 134 1.15 -6.72 -12.84
CA GLY A 134 0.50 -6.22 -11.63
C GLY A 134 -0.84 -5.62 -11.96
N LEU A 135 -1.16 -4.49 -11.33
CA LEU A 135 -2.32 -3.72 -11.74
C LEU A 135 -2.13 -3.35 -13.20
N PHE A 136 -1.10 -2.54 -13.46
CA PHE A 136 -0.65 -2.17 -14.82
C PHE A 136 0.55 -1.29 -14.68
N LYS A 137 1.40 -1.30 -15.70
CA LYS A 137 2.53 -0.36 -15.81
C LYS A 137 2.08 0.99 -16.37
N GLN A 138 2.44 2.07 -15.67
CA GLN A 138 1.99 3.42 -16.03
C GLN A 138 3.02 4.10 -16.93
N VAL A 139 2.57 4.56 -18.09
CA VAL A 139 3.41 5.18 -19.07
C VAL A 139 2.67 6.44 -19.51
N PHE A 140 3.40 7.56 -19.63
CA PHE A 140 2.85 8.83 -20.10
C PHE A 140 3.13 9.06 -21.57
N ARG A 141 2.10 9.40 -22.33
CA ARG A 141 2.23 9.69 -23.77
C ARG A 141 1.24 10.78 -24.12
N ASP A 142 1.74 11.91 -24.58
CA ASP A 142 0.93 13.07 -24.94
C ASP A 142 0.19 13.59 -23.72
N ASN A 143 0.92 13.72 -22.61
CA ASN A 143 0.38 14.23 -21.36
C ASN A 143 -0.86 13.46 -20.84
N GLN A 144 -0.94 12.17 -21.16
CA GLN A 144 -2.00 11.30 -20.68
C GLN A 144 -1.43 9.97 -20.19
N GLN A 145 -2.17 9.32 -19.28
CA GLN A 145 -1.79 8.01 -18.78
C GLN A 145 -2.26 6.93 -19.72
N GLU A 146 -1.33 6.08 -20.13
CA GLU A 146 -1.62 4.85 -20.82
C GLU A 146 -1.22 3.70 -19.91
N ALA A 147 -1.71 2.51 -20.22
CA ALA A 147 -1.38 1.31 -19.46
C ALA A 147 -0.65 0.27 -20.29
N GLU A 148 0.25 -0.46 -19.64
CA GLU A 148 0.96 -1.55 -20.28
C GLU A 148 1.15 -2.66 -19.25
N PRO A 149 1.40 -3.91 -19.70
CA PRO A 149 1.58 -4.98 -18.74
C PRO A 149 2.75 -4.63 -17.90
N ASN A 150 2.70 -4.98 -16.61
CA ASN A 150 3.78 -4.73 -15.68
C ASN A 150 4.64 -5.96 -15.42
N TYR A 151 5.19 -6.56 -16.46
CA TYR A 151 5.96 -7.82 -16.31
C TYR A 151 7.05 -7.61 -15.30
N TRP A 152 7.41 -8.65 -14.59
CA TRP A 152 8.53 -8.58 -13.68
C TRP A 152 9.37 -9.83 -13.51
N ILE A 153 8.82 -10.99 -13.86
CA ILE A 153 9.46 -12.25 -13.48
C ILE A 153 10.58 -12.56 -14.46
N GLU A 154 11.78 -12.72 -13.94
CA GLU A 154 12.90 -13.24 -14.71
C GLU A 154 13.05 -14.71 -14.42
N ASP A 155 13.87 -15.38 -15.20
CA ASP A 155 14.19 -16.79 -14.96
C ASP A 155 14.90 -16.93 -13.61
N ASP A 156 15.90 -16.11 -13.41
CA ASP A 156 16.55 -16.02 -12.12
C ASP A 156 15.84 -14.94 -11.35
N SER A 157 15.06 -15.34 -10.36
CA SER A 157 14.35 -14.42 -9.46
C SER A 157 14.38 -14.88 -8.00
N TRP A 158 13.60 -14.18 -7.18
CA TRP A 158 13.41 -14.57 -5.77
C TRP A 158 12.39 -15.71 -5.61
N LEU A 159 11.74 -16.10 -6.72
CA LEU A 159 10.73 -17.18 -6.66
C LEU A 159 11.41 -18.53 -6.48
N VAL A 160 11.15 -19.16 -5.34
CA VAL A 160 11.65 -20.51 -5.05
C VAL A 160 10.59 -21.56 -5.41
N PRO A 161 10.81 -22.32 -6.49
CA PRO A 161 9.84 -23.31 -6.96
C PRO A 161 9.62 -24.38 -5.92
N THR A 162 8.40 -24.94 -5.90
CA THR A 162 8.07 -26.10 -5.07
C THR A 162 7.46 -27.16 -5.97
N ALA A 163 7.17 -28.33 -5.38
CA ALA A 163 6.49 -29.41 -6.11
C ALA A 163 5.04 -29.57 -5.68
N ILE A 164 4.52 -28.58 -4.98
CA ILE A 164 3.17 -28.68 -4.42
C ILE A 164 2.13 -28.23 -5.44
N SER A 165 1.07 -29.01 -5.57
CA SER A 165 -0.02 -28.72 -6.52
C SER A 165 -1.34 -29.16 -5.91
N TYR A 166 -2.40 -28.41 -6.24
CA TYR A 166 -3.73 -28.66 -5.71
C TYR A 166 -4.72 -28.50 -6.84
N ASP A 167 -5.78 -29.28 -6.75
CA ASP A 167 -6.89 -29.21 -7.67
C ASP A 167 -7.92 -28.21 -7.14
N VAL A 168 -8.22 -27.22 -7.97
CA VAL A 168 -9.28 -26.26 -7.62
C VAL A 168 -10.51 -26.39 -8.53
N PRO A 169 -11.63 -26.88 -7.97
CA PRO A 169 -12.81 -27.25 -8.74
C PRO A 169 -13.74 -26.07 -9.03
N PHE A 170 -14.08 -25.86 -10.29
CA PHE A 170 -15.06 -24.86 -10.66
C PHE A 170 -16.10 -25.56 -11.43
N ARG A 171 -17.20 -24.87 -11.70
CA ARG A 171 -18.32 -25.50 -12.42
C ARG A 171 -17.89 -26.14 -13.73
N ASP A 172 -17.13 -25.41 -14.55
CA ASP A 172 -16.90 -25.88 -15.91
C ASP A 172 -15.57 -26.59 -16.07
N PHE A 173 -14.80 -26.72 -14.97
CA PHE A 173 -13.46 -27.35 -15.04
C PHE A 173 -12.76 -27.36 -13.69
N THR A 174 -11.72 -28.16 -13.58
CA THR A 174 -10.88 -28.16 -12.41
C THR A 174 -9.51 -27.72 -12.79
N LEU A 175 -8.95 -26.77 -12.05
CA LEU A 175 -7.58 -26.25 -12.31
C LEU A 175 -6.51 -26.86 -11.41
N LYS A 176 -5.35 -27.12 -12.02
CA LYS A 176 -4.15 -27.58 -11.31
C LYS A 176 -3.28 -26.39 -10.97
N SER A 177 -2.98 -26.23 -9.69
CA SER A 177 -2.15 -25.12 -9.25
C SER A 177 -0.68 -25.48 -9.16
N LYS A 178 0.15 -24.44 -9.17
CA LYS A 178 1.58 -24.54 -8.91
C LYS A 178 1.95 -23.48 -7.87
N LEU A 179 2.98 -23.77 -7.05
CA LEU A 179 3.35 -22.98 -5.89
C LEU A 179 4.82 -22.57 -5.93
N ASP A 180 5.05 -21.25 -5.86
CA ASP A 180 6.36 -20.64 -5.72
C ASP A 180 6.40 -19.82 -4.44
N ARG A 181 7.50 -19.91 -3.72
CA ARG A 181 7.64 -19.28 -2.41
C ARG A 181 8.70 -18.22 -2.44
N ILE A 182 8.54 -17.21 -1.59
CA ILE A 182 9.58 -16.20 -1.44
C ILE A 182 10.01 -16.17 -0.01
N ASP A 183 11.31 -16.08 0.21
CA ASP A 183 11.81 -16.09 1.57
C ASP A 183 11.55 -14.73 2.18
N ILE A 184 10.81 -14.70 3.29
CA ILE A 184 10.58 -13.44 4.01
C ILE A 184 11.46 -13.46 5.22
N LEU A 185 12.53 -12.67 5.17
CA LEU A 185 13.59 -12.71 6.18
C LEU A 185 13.27 -11.80 7.34
N GLY A 186 13.75 -12.17 8.52
CA GLY A 186 13.66 -11.34 9.72
C GLY A 186 14.99 -10.66 10.08
N TYR A 187 14.90 -9.55 10.81
CA TYR A 187 16.06 -8.73 11.06
C TYR A 187 17.01 -9.50 11.97
N HIS A 188 18.19 -9.81 11.44
CA HIS A 188 19.22 -10.57 12.17
C HIS A 188 18.68 -11.84 12.82
N LYS A 189 17.83 -12.59 12.09
CA LYS A 189 17.21 -13.82 12.59
C LYS A 189 17.82 -15.03 11.94
N ASP A 190 17.78 -16.17 12.62
CA ASP A 190 18.37 -17.39 12.07
C ASP A 190 17.34 -18.28 11.40
N SER A 191 16.07 -18.00 11.69
CA SER A 191 14.95 -18.68 11.07
C SER A 191 14.18 -17.77 10.11
N LYS A 192 13.50 -18.36 9.13
CA LYS A 192 12.79 -17.57 8.09
C LYS A 192 11.34 -17.95 7.95
N ASN A 193 10.58 -17.11 7.27
CA ASN A 193 9.23 -17.48 6.76
C ASN A 193 9.17 -17.52 5.23
N TYR A 194 8.09 -18.11 4.73
CA TYR A 194 7.79 -18.12 3.30
C TYR A 194 6.61 -17.21 2.98
N LEU A 195 6.62 -16.62 1.80
CA LEU A 195 5.41 -16.06 1.24
C LEU A 195 4.97 -17.00 0.18
N ASN A 196 3.76 -17.53 0.34
CA ASN A 196 3.21 -18.53 -0.56
C ASN A 196 2.36 -17.96 -1.67
N LEU A 197 2.86 -18.04 -2.89
CA LEU A 197 2.19 -17.44 -4.03
C LEU A 197 1.77 -18.52 -5.02
N PHE A 198 0.48 -18.68 -5.19
CA PHE A 198 -0.03 -19.74 -6.05
C PHE A 198 -0.29 -19.25 -7.45
N ASP A 199 -0.18 -20.15 -8.42
CA ASP A 199 -0.21 -19.81 -9.85
C ASP A 199 -0.63 -21.04 -10.67
N ILE A 200 -0.75 -20.87 -11.99
CA ILE A 200 -0.96 -21.96 -12.94
C ILE A 200 0.04 -21.97 -14.09
N ASP A 201 0.28 -23.13 -14.68
CA ASP A 201 1.03 -23.20 -15.95
C ASP A 201 0.14 -22.89 -17.13
N GLY A 202 0.73 -22.78 -18.31
CA GLY A 202 -0.07 -22.63 -19.54
C GLY A 202 -0.70 -21.27 -19.62
N LEU A 203 -0.12 -20.31 -18.91
CA LEU A 203 -0.46 -18.91 -19.05
C LEU A 203 -0.03 -18.41 -20.45
N ASP A 204 -0.93 -17.69 -21.13
CA ASP A 204 -0.67 -17.19 -22.48
C ASP A 204 -0.58 -15.65 -22.49
N TYR A 205 0.62 -15.11 -22.62
CA TYR A 205 0.78 -13.66 -22.70
C TYR A 205 0.23 -13.04 -24.02
N GLY A 206 -0.09 -13.91 -24.98
CA GLY A 206 -0.51 -13.48 -26.29
C GLY A 206 -1.90 -12.89 -26.29
N LEU A 207 -2.64 -13.08 -25.19
CA LEU A 207 -3.98 -12.53 -25.08
C LEU A 207 -3.97 -11.02 -24.93
N ILE A 208 -2.80 -10.45 -24.61
CA ILE A 208 -2.77 -9.10 -24.07
C ILE A 208 -2.91 -8.04 -25.14
N LYS A 209 -2.61 -8.38 -26.38
CA LYS A 209 -2.92 -7.45 -27.50
C LYS A 209 -2.51 -6.00 -27.18
N ASP A 210 -3.44 -5.05 -27.27
CA ASP A 210 -3.12 -3.63 -27.18
C ASP A 210 -3.37 -3.11 -25.76
N GLY A 211 -2.31 -2.65 -25.12
CA GLY A 211 -2.36 -2.18 -23.73
C GLY A 211 -2.46 -3.32 -22.75
N ILE A 212 -3.46 -3.26 -21.90
CA ILE A 212 -3.76 -4.35 -20.95
C ILE A 212 -5.03 -5.13 -21.34
N THR A 213 -5.58 -4.80 -22.51
CA THR A 213 -6.77 -5.46 -23.02
C THR A 213 -6.52 -6.95 -23.16
N PHE A 214 -7.47 -7.77 -22.74
CA PHE A 214 -7.37 -9.23 -22.92
C PHE A 214 -8.70 -9.94 -22.74
N ASP A 215 -8.85 -11.12 -23.33
CA ASP A 215 -10.11 -11.88 -23.22
C ASP A 215 -10.31 -12.45 -21.82
N LYS A 216 -11.29 -11.89 -21.13
CA LYS A 216 -11.48 -12.13 -19.71
C LYS A 216 -12.02 -13.51 -19.46
N THR A 217 -12.46 -14.18 -20.52
CA THR A 217 -13.16 -15.47 -20.42
C THR A 217 -12.22 -16.63 -20.61
N GLU A 218 -10.98 -16.37 -21.01
CA GLU A 218 -9.97 -17.44 -21.18
C GLU A 218 -9.29 -17.80 -19.87
N ILE A 219 -10.07 -18.32 -18.92
CA ILE A 219 -9.64 -18.39 -17.56
C ILE A 219 -8.31 -19.12 -17.47
N LYS A 220 -8.24 -20.27 -18.14
CA LYS A 220 -7.08 -21.18 -18.03
C LYS A 220 -5.77 -20.50 -18.46
N LYS A 221 -5.90 -19.46 -19.28
CA LYS A 221 -4.78 -18.74 -19.82
C LYS A 221 -4.58 -17.35 -19.21
N ASN A 222 -5.56 -16.85 -18.45
CA ASN A 222 -5.50 -15.48 -17.94
C ASN A 222 -5.60 -15.38 -16.42
N LEU A 223 -5.80 -16.49 -15.75
CA LEU A 223 -6.17 -16.41 -14.35
C LEU A 223 -5.31 -15.40 -13.56
N THR A 224 -3.98 -15.60 -13.59
CA THR A 224 -3.04 -14.79 -12.78
C THR A 224 -2.24 -13.78 -13.60
N LEU A 225 -2.77 -13.40 -14.74
CA LEU A 225 -2.18 -12.35 -15.51
C LEU A 225 -2.17 -11.03 -14.77
N PHE A 226 -3.33 -10.54 -14.33
CA PHE A 226 -3.45 -9.16 -13.82
C PHE A 226 -4.11 -9.12 -12.43
N LEU A 227 -3.68 -8.18 -11.62
CA LEU A 227 -4.38 -7.89 -10.38
C LEU A 227 -5.55 -6.96 -10.64
N TYR A 228 -6.70 -7.27 -10.08
CA TYR A 228 -7.90 -6.44 -10.27
C TYR A 228 -8.19 -6.17 -11.74
N PRO A 229 -8.30 -7.22 -12.54
CA PRO A 229 -8.65 -7.06 -13.94
C PRO A 229 -9.97 -6.29 -14.14
N ASP A 230 -10.08 -5.65 -15.30
CA ASP A 230 -11.22 -4.81 -15.66
C ASP A 230 -12.55 -5.40 -15.26
N ASP A 231 -13.38 -4.53 -14.70
CA ASP A 231 -14.55 -4.94 -13.94
C ASP A 231 -15.84 -4.39 -14.53
N SER A 232 -15.74 -3.75 -15.68
CA SER A 232 -16.86 -2.99 -16.21
C SER A 232 -17.93 -3.89 -16.83
N ASP A 233 -17.65 -5.18 -16.94
CA ASP A 233 -18.57 -6.13 -17.57
C ASP A 233 -18.65 -7.44 -16.83
N LYS A 234 -19.75 -8.15 -17.02
CA LYS A 234 -19.99 -9.38 -16.30
C LYS A 234 -18.75 -10.31 -16.36
N ASN A 235 -18.27 -10.59 -17.56
CA ASN A 235 -17.16 -11.51 -17.73
C ASN A 235 -15.97 -11.15 -16.83
N GLY A 236 -15.75 -9.86 -16.66
CA GLY A 236 -14.67 -9.37 -15.82
C GLY A 236 -14.91 -9.78 -14.39
N GLU A 237 -16.15 -9.57 -13.95
CA GLU A 237 -16.54 -9.84 -12.58
C GLU A 237 -16.33 -11.30 -12.26
N LEU A 238 -16.72 -12.15 -13.18
CA LEU A 238 -16.57 -13.57 -13.00
C LEU A 238 -15.12 -13.96 -12.75
N LEU A 239 -14.23 -13.31 -13.49
CA LEU A 239 -12.82 -13.59 -13.38
C LEU A 239 -12.32 -13.27 -11.97
N ARG A 240 -12.88 -12.22 -11.39
CA ARG A 240 -12.53 -11.87 -10.02
C ARG A 240 -12.89 -13.01 -9.09
N ILE A 241 -14.00 -13.68 -9.39
CA ILE A 241 -14.46 -14.77 -8.55
C ILE A 241 -13.54 -15.97 -8.73
N TYR A 242 -13.19 -16.27 -9.97
CA TYR A 242 -12.26 -17.35 -10.21
C TYR A 242 -11.00 -17.16 -9.37
N GLN A 243 -10.48 -15.93 -9.44
CA GLN A 243 -9.27 -15.54 -8.76
C GLN A 243 -9.40 -15.76 -7.25
N GLN A 244 -10.44 -15.19 -6.69
CA GLN A 244 -10.63 -15.19 -5.24
C GLN A 244 -10.74 -16.61 -4.76
N TYR A 245 -11.51 -17.42 -5.46
CA TYR A 245 -11.70 -18.80 -5.01
C TYR A 245 -10.40 -19.60 -5.21
N PHE A 246 -9.68 -19.30 -6.29
CA PHE A 246 -8.51 -20.06 -6.54
C PHE A 246 -7.54 -19.87 -5.42
N MET A 247 -7.36 -18.62 -5.03
CA MET A 247 -6.43 -18.27 -3.97
C MET A 247 -6.84 -18.96 -2.68
N VAL A 248 -8.13 -18.90 -2.46
CA VAL A 248 -8.71 -19.40 -1.23
C VAL A 248 -8.63 -20.92 -1.13
N SER A 249 -8.87 -21.62 -2.25
CA SER A 249 -8.87 -23.07 -2.22
C SER A 249 -7.47 -23.60 -2.01
N ASN A 250 -6.50 -22.98 -2.67
CA ASN A 250 -5.12 -23.34 -2.48
C ASN A 250 -4.69 -23.12 -1.03
N ALA A 251 -5.13 -22.01 -0.48
CA ALA A 251 -4.76 -21.68 0.87
C ALA A 251 -5.23 -22.76 1.82
N ALA A 252 -6.52 -23.06 1.78
CA ALA A 252 -7.12 -24.01 2.71
C ALA A 252 -6.53 -25.40 2.52
N GLN A 253 -6.35 -25.82 1.30
CA GLN A 253 -5.77 -27.14 1.09
C GLN A 253 -4.37 -27.18 1.74
N LEU A 254 -3.64 -26.10 1.57
CA LEU A 254 -2.30 -26.04 2.09
C LEU A 254 -2.26 -26.18 3.60
N LEU A 255 -3.04 -25.36 4.29
CA LEU A 255 -2.94 -25.31 5.74
C LEU A 255 -3.37 -26.66 6.33
N ILE A 256 -4.32 -27.31 5.68
CA ILE A 256 -4.76 -28.63 6.12
C ILE A 256 -3.60 -29.62 5.99
N ASP A 257 -2.97 -29.66 4.82
CA ASP A 257 -1.80 -30.53 4.64
C ASP A 257 -0.74 -30.29 5.67
N GLU A 258 -0.47 -29.03 5.96
CA GLU A 258 0.59 -28.64 6.86
C GLU A 258 0.24 -28.95 8.29
N ALA A 259 -1.07 -28.94 8.57
CA ALA A 259 -1.56 -29.33 9.88
C ALA A 259 -1.38 -30.82 10.11
N LEU A 260 -1.79 -31.59 9.11
CA LEU A 260 -1.70 -33.04 9.13
C LEU A 260 -0.24 -33.51 9.29
N GLU A 261 0.68 -32.89 8.57
CA GLU A 261 2.07 -33.27 8.67
C GLU A 261 2.54 -33.19 10.11
N ARG A 262 2.03 -32.21 10.83
CA ARG A 262 2.46 -31.96 12.22
C ARG A 262 1.62 -32.71 13.25
N GLY A 263 0.99 -33.79 12.79
CA GLY A 263 0.39 -34.74 13.68
C GLY A 263 -1.01 -34.35 14.07
N SER A 264 -1.63 -33.49 13.25
CA SER A 264 -2.97 -33.03 13.57
C SER A 264 -4.00 -34.00 13.01
N ASN A 265 -4.92 -34.44 13.86
CA ASN A 265 -6.25 -34.85 13.41
C ASN A 265 -7.06 -33.60 13.21
N LEU A 266 -8.06 -33.68 12.37
CA LEU A 266 -8.62 -32.44 11.85
C LEU A 266 -9.61 -31.85 12.84
N HIS A 267 -10.01 -32.65 13.83
CA HIS A 267 -10.89 -32.20 14.92
C HIS A 267 -10.23 -31.08 15.71
N ASP A 268 -8.90 -31.16 15.88
CA ASP A 268 -8.15 -30.13 16.63
C ASP A 268 -7.35 -29.18 15.72
N LEU A 269 -7.89 -28.88 14.55
CA LEU A 269 -7.24 -28.01 13.62
C LEU A 269 -6.95 -26.63 14.20
N ALA A 270 -7.83 -26.15 15.06
CA ALA A 270 -7.68 -24.82 15.62
C ALA A 270 -6.38 -24.70 16.40
N ASP A 271 -5.89 -25.81 16.93
CA ASP A 271 -4.61 -25.82 17.65
C ASP A 271 -3.42 -25.73 16.71
N TYR A 272 -3.64 -25.95 15.43
CA TYR A 272 -2.55 -26.02 14.48
C TYR A 272 -2.54 -24.85 13.49
N ALA A 273 -3.69 -24.19 13.29
CA ALA A 273 -3.81 -23.16 12.24
C ALA A 273 -4.80 -22.08 12.60
N TYR A 274 -4.42 -20.83 12.33
CA TYR A 274 -5.34 -19.70 12.33
C TYR A 274 -5.19 -18.91 11.06
N VAL A 275 -6.27 -18.28 10.60
CA VAL A 275 -6.27 -17.63 9.31
C VAL A 275 -6.69 -16.19 9.48
N GLN A 276 -5.92 -15.28 8.92
CA GLN A 276 -6.31 -13.90 8.90
C GLN A 276 -6.56 -13.41 7.46
N ILE A 277 -7.77 -12.96 7.16
CA ILE A 277 -8.11 -12.55 5.82
C ILE A 277 -7.99 -11.06 5.72
N ASN A 278 -7.22 -10.59 4.74
CA ASN A 278 -6.85 -9.20 4.69
C ASN A 278 -8.04 -8.27 4.33
N ASP A 279 -8.99 -8.71 3.54
CA ASP A 279 -10.21 -7.93 3.45
C ASP A 279 -11.35 -8.89 3.14
N THR A 280 -12.22 -8.58 2.17
CA THR A 280 -13.29 -9.47 1.76
C THR A 280 -12.91 -10.42 0.63
N HIS A 281 -11.73 -10.25 0.04
CA HIS A 281 -11.31 -11.08 -1.09
C HIS A 281 -11.15 -12.56 -0.74
N PRO A 282 -10.57 -12.86 0.43
CA PRO A 282 -10.44 -14.23 0.86
C PRO A 282 -11.60 -14.75 1.73
N SER A 283 -12.79 -14.13 1.64
CA SER A 283 -13.97 -14.53 2.44
C SER A 283 -14.35 -15.99 2.17
N MET A 284 -14.18 -16.41 0.92
CA MET A 284 -14.59 -17.76 0.52
C MET A 284 -13.72 -18.83 1.15
N VAL A 285 -12.74 -18.46 1.94
CA VAL A 285 -12.00 -19.47 2.67
C VAL A 285 -12.84 -20.17 3.71
N ILE A 286 -13.84 -19.49 4.22
CA ILE A 286 -14.66 -20.06 5.29
C ILE A 286 -15.42 -21.27 4.80
N PRO A 287 -16.22 -21.11 3.73
CA PRO A 287 -17.04 -22.23 3.31
C PRO A 287 -16.20 -23.23 2.61
N GLU A 288 -15.11 -22.80 2.02
CA GLU A 288 -14.11 -23.77 1.47
C GLU A 288 -13.50 -24.69 2.52
N LEU A 289 -13.01 -24.14 3.62
CA LEU A 289 -12.51 -24.97 4.70
C LEU A 289 -13.56 -25.95 5.16
N ILE A 290 -14.78 -25.48 5.31
CA ILE A 290 -15.86 -26.37 5.72
C ILE A 290 -16.05 -27.51 4.75
N ARG A 291 -16.09 -27.18 3.45
CA ARG A 291 -16.20 -28.18 2.39
C ARG A 291 -15.13 -29.23 2.58
N LEU A 292 -13.90 -28.80 2.72
CA LEU A 292 -12.79 -29.76 2.73
C LEU A 292 -12.97 -30.73 3.89
N LEU A 293 -13.33 -30.18 5.03
CA LEU A 293 -13.41 -30.99 6.22
C LEU A 293 -14.57 -31.99 6.11
N ASN A 294 -15.70 -31.50 5.63
CA ASN A 294 -16.93 -32.28 5.63
C ASN A 294 -16.88 -33.36 4.57
N GLU A 295 -16.49 -33.01 3.35
CA GLU A 295 -16.59 -33.91 2.21
C GLU A 295 -15.29 -34.67 2.01
N LYS A 296 -14.19 -33.96 1.91
CA LYS A 296 -12.88 -34.60 1.69
C LYS A 296 -12.36 -35.39 2.89
N HIS A 297 -12.67 -34.94 4.10
CA HIS A 297 -12.13 -35.55 5.31
C HIS A 297 -13.20 -36.13 6.24
N GLY A 298 -14.44 -36.21 5.76
CA GLY A 298 -15.49 -36.96 6.46
C GLY A 298 -15.85 -36.45 7.85
N LEU A 299 -15.85 -35.14 8.04
CA LEU A 299 -16.25 -34.56 9.33
C LEU A 299 -17.70 -34.06 9.27
N ASP A 300 -18.39 -34.19 10.38
CA ASP A 300 -19.77 -33.79 10.43
C ASP A 300 -19.81 -32.30 10.10
N PHE A 301 -20.74 -31.93 9.22
CA PHE A 301 -20.88 -30.58 8.72
C PHE A 301 -20.91 -29.59 9.86
N TYR A 302 -21.80 -29.79 10.82
CA TYR A 302 -21.91 -28.83 11.91
C TYR A 302 -20.69 -28.80 12.83
N GLU A 303 -19.93 -29.88 12.88
CA GLU A 303 -18.63 -29.85 13.56
C GLU A 303 -17.57 -29.08 12.75
N ALA A 304 -17.55 -29.33 11.45
CA ALA A 304 -16.70 -28.56 10.57
C ALA A 304 -16.88 -27.07 10.79
N VAL A 305 -18.13 -26.63 10.89
CA VAL A 305 -18.42 -25.22 11.06
C VAL A 305 -17.88 -24.73 12.39
N ASP A 306 -18.16 -25.46 13.46
CA ASP A 306 -17.65 -25.05 14.76
C ASP A 306 -16.13 -24.87 14.70
N ILE A 307 -15.43 -25.77 14.00
CA ILE A 307 -13.96 -25.77 13.97
C ILE A 307 -13.43 -24.55 13.21
N VAL A 308 -14.00 -24.32 12.04
CA VAL A 308 -13.57 -23.24 11.16
C VAL A 308 -13.85 -21.87 11.77
N LYS A 309 -15.00 -21.68 12.36
CA LYS A 309 -15.33 -20.35 12.86
C LYS A 309 -14.49 -19.98 14.11
N ASN A 310 -13.72 -20.94 14.62
CA ASN A 310 -12.89 -20.69 15.79
C ASN A 310 -11.42 -20.52 15.42
N MET A 311 -11.11 -20.49 14.13
CA MET A 311 -9.76 -20.25 13.66
C MET A 311 -9.71 -19.21 12.53
N ILE A 312 -10.80 -18.47 12.33
CA ILE A 312 -10.83 -17.42 11.31
C ILE A 312 -10.73 -16.03 11.94
N GLY A 313 -9.92 -15.16 11.31
CA GLY A 313 -9.83 -13.73 11.64
C GLY A 313 -10.14 -12.80 10.46
N TYR A 314 -11.01 -11.82 10.66
CA TYR A 314 -11.38 -10.86 9.61
C TYR A 314 -10.91 -9.42 9.90
N THR A 315 -10.35 -8.76 8.88
CA THR A 315 -9.84 -7.40 8.99
C THR A 315 -10.54 -6.52 7.99
N ASN A 316 -11.25 -5.51 8.45
CA ASN A 316 -12.06 -4.69 7.57
C ASN A 316 -11.41 -3.34 7.40
N HIS A 317 -10.96 -3.03 6.20
CA HIS A 317 -10.37 -1.75 5.93
C HIS A 317 -11.38 -0.72 5.48
N THR A 318 -12.50 -1.15 4.97
CA THR A 318 -13.55 -0.24 4.52
C THR A 318 -14.14 0.53 5.70
N ILE A 319 -14.58 1.75 5.44
CA ILE A 319 -15.34 2.55 6.39
C ILE A 319 -16.82 2.20 6.35
N LEU A 320 -17.47 2.53 5.22
CA LEU A 320 -18.93 2.35 5.03
C LEU A 320 -19.35 0.94 4.66
N ALA A 321 -20.41 0.48 5.30
CA ALA A 321 -20.85 -0.92 5.17
C ALA A 321 -21.42 -1.14 3.77
N GLU A 322 -21.87 -0.06 3.15
CA GLU A 322 -22.48 -0.14 1.84
C GLU A 322 -21.44 -0.56 0.81
N ALA A 323 -20.18 -0.19 1.05
CA ALA A 323 -19.12 -0.48 0.09
C ALA A 323 -18.57 -1.91 0.20
N LEU A 324 -19.06 -2.68 1.17
CA LEU A 324 -18.53 -4.01 1.39
C LEU A 324 -18.91 -4.89 0.21
N GLU A 325 -18.07 -5.88 -0.05
CA GLU A 325 -18.14 -6.71 -1.25
C GLU A 325 -19.38 -7.59 -1.23
N LYS A 326 -20.07 -7.61 -2.37
CA LYS A 326 -21.32 -8.34 -2.57
C LYS A 326 -21.23 -9.14 -3.85
N TRP A 327 -21.86 -10.31 -3.88
CA TRP A 327 -21.88 -11.13 -5.06
C TRP A 327 -23.29 -11.63 -5.33
N PRO A 328 -23.76 -11.47 -6.58
CA PRO A 328 -25.02 -12.08 -6.96
C PRO A 328 -24.89 -13.58 -6.94
N LEU A 329 -25.86 -14.21 -6.30
CA LEU A 329 -25.95 -15.65 -6.25
C LEU A 329 -25.79 -16.25 -7.65
N GLU A 330 -26.52 -15.68 -8.62
CA GLU A 330 -26.49 -16.18 -9.99
C GLU A 330 -25.04 -16.29 -10.48
N TYR A 331 -24.23 -15.25 -10.26
CA TYR A 331 -22.85 -15.24 -10.75
C TYR A 331 -22.06 -16.33 -10.06
N LEU A 332 -22.23 -16.44 -8.74
CA LEU A 332 -21.49 -17.44 -7.97
C LEU A 332 -21.82 -18.84 -8.44
N ASN A 333 -23.09 -19.09 -8.76
CA ASN A 333 -23.49 -20.42 -9.27
C ASN A 333 -22.89 -20.71 -10.63
N GLU A 334 -22.47 -19.65 -11.31
CA GLU A 334 -21.87 -19.81 -12.60
C GLU A 334 -20.43 -20.33 -12.50
N VAL A 335 -19.82 -20.12 -11.34
CA VAL A 335 -18.42 -20.36 -11.16
C VAL A 335 -18.17 -21.42 -10.05
N VAL A 336 -18.77 -21.24 -8.88
CA VAL A 336 -18.54 -22.13 -7.74
C VAL A 336 -19.84 -22.71 -7.15
N PRO A 337 -20.74 -23.17 -8.03
CA PRO A 337 -22.04 -23.64 -7.57
C PRO A 337 -21.99 -24.56 -6.35
N HIS A 338 -21.00 -25.44 -6.28
CA HIS A 338 -20.85 -26.36 -5.14
C HIS A 338 -20.60 -25.63 -3.85
N LEU A 339 -19.78 -24.59 -3.90
CA LEU A 339 -19.60 -23.76 -2.71
C LEU A 339 -20.89 -23.01 -2.37
N VAL A 340 -21.60 -22.57 -3.40
CA VAL A 340 -22.80 -21.79 -3.17
C VAL A 340 -23.73 -22.56 -2.27
N THR A 341 -23.85 -23.85 -2.57
CA THR A 341 -24.68 -24.72 -1.78
C THR A 341 -24.34 -24.59 -0.30
N ILE A 342 -23.04 -24.56 -0.02
CA ILE A 342 -22.53 -24.49 1.34
C ILE A 342 -22.84 -23.14 1.91
N ILE A 343 -22.67 -22.13 1.09
CA ILE A 343 -22.96 -20.77 1.54
C ILE A 343 -24.44 -20.58 1.87
N GLU A 344 -25.30 -21.29 1.15
CA GLU A 344 -26.72 -21.26 1.41
C GLU A 344 -27.02 -22.01 2.69
N HIS A 345 -26.22 -23.02 2.98
CA HIS A 345 -26.36 -23.70 4.28
C HIS A 345 -26.02 -22.76 5.43
N LEU A 346 -24.97 -21.97 5.27
CA LEU A 346 -24.56 -21.04 6.31
C LEU A 346 -25.63 -19.95 6.50
N ASP A 347 -26.28 -19.59 5.40
CA ASP A 347 -27.33 -18.64 5.45
C ASP A 347 -28.43 -19.19 6.32
N ARG A 348 -28.67 -20.49 6.22
CA ARG A 348 -29.77 -21.14 6.95
C ARG A 348 -29.47 -21.12 8.42
N ILE A 349 -28.24 -21.45 8.76
CA ILE A 349 -27.86 -21.47 10.15
C ILE A 349 -28.09 -20.11 10.77
N VAL A 350 -27.73 -19.07 10.01
CA VAL A 350 -27.67 -17.72 10.57
C VAL A 350 -29.08 -17.18 10.61
N ARG A 351 -29.80 -17.38 9.51
CA ARG A 351 -31.12 -16.82 9.37
C ARG A 351 -32.09 -17.41 10.41
N SER A 352 -31.81 -18.65 10.82
CA SER A 352 -32.59 -19.30 11.87
C SER A 352 -32.32 -18.75 13.26
N GLN A 353 -31.14 -18.20 13.50
CA GLN A 353 -30.71 -17.85 14.84
C GLN A 353 -30.92 -16.37 15.10
N TYR A 354 -30.71 -15.55 14.07
CA TYR A 354 -30.77 -14.10 14.21
C TYR A 354 -31.92 -13.48 13.41
N LYS A 355 -32.74 -12.69 14.09
CA LYS A 355 -33.98 -12.15 13.51
C LYS A 355 -33.74 -10.84 12.77
N ASP A 356 -32.63 -10.18 13.06
CA ASP A 356 -32.28 -8.95 12.35
C ASP A 356 -31.97 -9.22 10.86
N ASP A 357 -32.78 -8.68 9.99
CA ASP A 357 -32.63 -8.91 8.55
C ASP A 357 -31.38 -8.25 8.03
N ALA A 358 -30.91 -7.22 8.75
CA ALA A 358 -29.70 -6.49 8.36
C ALA A 358 -28.38 -7.31 8.46
N VAL A 359 -28.38 -8.45 9.16
CA VAL A 359 -27.14 -9.20 9.35
C VAL A 359 -27.09 -10.42 8.45
N GLN A 360 -28.07 -10.52 7.55
CA GLN A 360 -28.22 -11.76 6.81
C GLN A 360 -27.11 -11.84 5.77
N ILE A 361 -26.65 -13.06 5.49
CA ILE A 361 -25.63 -13.27 4.49
C ILE A 361 -26.19 -13.00 3.09
N ILE A 362 -27.31 -13.60 2.80
CA ILE A 362 -27.98 -13.35 1.52
C ILE A 362 -29.16 -12.42 1.75
N ASP A 363 -29.32 -11.44 0.86
CA ASP A 363 -30.37 -10.45 1.04
C ASP A 363 -31.50 -10.72 0.08
N ARG A 364 -32.53 -9.87 0.16
CA ARG A 364 -33.74 -10.02 -0.63
C ARG A 364 -33.48 -10.15 -2.12
N ASP A 365 -32.50 -9.42 -2.61
CA ASP A 365 -32.18 -9.43 -4.02
C ASP A 365 -31.18 -10.51 -4.37
N ASP A 366 -31.04 -11.52 -3.51
CA ASP A 366 -30.16 -12.67 -3.80
C ASP A 366 -28.65 -12.31 -3.86
N ARG A 367 -28.27 -11.15 -3.33
CA ARG A 367 -26.87 -10.79 -3.23
C ARG A 367 -26.27 -11.42 -1.97
N VAL A 368 -25.05 -11.92 -2.12
CA VAL A 368 -24.26 -12.50 -1.05
C VAL A 368 -23.22 -11.52 -0.48
N HIS A 369 -23.41 -11.15 0.77
CA HIS A 369 -22.56 -10.22 1.45
C HIS A 369 -21.43 -10.97 2.13
N MET A 370 -20.30 -11.02 1.45
CA MET A 370 -19.16 -11.83 1.89
C MET A 370 -18.68 -11.36 3.23
N ALA A 371 -18.76 -10.07 3.48
CA ALA A 371 -18.37 -9.55 4.80
C ALA A 371 -19.29 -10.08 5.92
N HIS A 372 -20.58 -10.10 5.63
CA HIS A 372 -21.53 -10.54 6.62
C HIS A 372 -21.23 -11.99 6.99
N MET A 373 -20.77 -12.74 6.02
CA MET A 373 -20.37 -14.12 6.31
C MET A 373 -19.15 -14.14 7.20
N ASP A 374 -18.21 -13.26 6.90
CA ASP A 374 -16.93 -13.28 7.58
C ASP A 374 -17.12 -12.97 9.07
N ILE A 375 -18.08 -12.11 9.37
CA ILE A 375 -18.35 -11.65 10.74
C ILE A 375 -19.01 -12.75 11.57
N HIS A 376 -19.96 -13.46 10.97
CA HIS A 376 -20.70 -14.53 11.63
C HIS A 376 -19.79 -15.69 11.98
N PHE A 377 -18.88 -16.04 11.09
CA PHE A 377 -18.05 -17.24 11.28
C PHE A 377 -16.61 -16.86 11.45
N SER A 378 -16.33 -15.90 12.32
CA SER A 378 -14.94 -15.65 12.69
C SER A 378 -14.85 -15.24 14.16
N THR A 379 -13.64 -15.30 14.73
CA THR A 379 -13.41 -14.99 16.14
C THR A 379 -13.08 -13.54 16.37
N SER A 380 -12.56 -12.87 15.33
CA SER A 380 -12.16 -11.46 15.43
C SER A 380 -12.55 -10.64 14.19
N VAL A 381 -13.15 -9.48 14.42
CA VAL A 381 -13.36 -8.49 13.39
C VAL A 381 -12.70 -7.21 13.85
N ASN A 382 -11.60 -6.84 13.20
CA ASN A 382 -10.80 -5.73 13.68
C ASN A 382 -10.88 -4.58 12.73
N GLY A 383 -10.88 -3.40 13.32
CA GLY A 383 -10.64 -2.17 12.58
C GLY A 383 -9.18 -1.78 12.59
N VAL A 384 -8.88 -0.84 11.70
CA VAL A 384 -7.52 -0.48 11.33
C VAL A 384 -7.05 0.74 12.11
N ALA A 385 -7.99 1.50 12.63
CA ALA A 385 -7.63 2.69 13.39
C ALA A 385 -8.71 3.00 14.41
N ALA A 386 -8.29 3.58 15.52
CA ALA A 386 -9.16 3.74 16.69
C ALA A 386 -10.53 4.35 16.31
N LEU A 387 -10.54 5.50 15.64
CA LEU A 387 -11.80 6.10 15.21
C LEU A 387 -12.55 5.24 14.18
N HIS A 388 -11.78 4.60 13.30
CA HIS A 388 -12.35 3.74 12.28
C HIS A 388 -13.10 2.56 12.94
N THR A 389 -12.45 1.94 13.92
CA THR A 389 -13.05 0.80 14.58
C THR A 389 -14.35 1.30 15.26
N ASP A 390 -14.28 2.42 15.95
CA ASP A 390 -15.45 2.93 16.66
C ASP A 390 -16.59 3.28 15.68
N ILE A 391 -16.25 3.73 14.48
CA ILE A 391 -17.30 3.91 13.45
C ILE A 391 -18.02 2.61 13.13
N LEU A 392 -17.24 1.53 13.06
CA LEU A 392 -17.80 0.21 12.79
C LEU A 392 -18.73 -0.25 13.86
N LYS A 393 -18.30 -0.09 15.12
CA LYS A 393 -19.05 -0.52 16.29
C LYS A 393 -20.29 0.32 16.53
N ASN A 394 -20.26 1.59 16.18
CA ASN A 394 -21.33 2.51 16.59
C ASN A 394 -22.33 2.83 15.50
N SER A 395 -21.97 2.62 14.23
CA SER A 395 -22.90 2.91 13.14
C SER A 395 -22.84 1.84 12.05
N GLU A 396 -21.78 1.87 11.25
CA GLU A 396 -21.73 1.11 10.01
C GLU A 396 -21.96 -0.40 10.19
N LEU A 397 -21.34 -0.99 11.21
CA LEU A 397 -21.50 -2.41 11.47
C LEU A 397 -22.16 -2.69 12.78
N LYS A 398 -22.97 -1.76 13.26
CA LYS A 398 -23.63 -1.90 14.56
C LYS A 398 -24.55 -3.09 14.68
N PRO A 399 -25.34 -3.35 13.65
CA PRO A 399 -26.15 -4.57 13.71
C PRO A 399 -25.33 -5.81 14.12
N PHE A 400 -24.07 -5.89 13.70
CA PHE A 400 -23.24 -7.07 14.02
C PHE A 400 -22.61 -6.88 15.39
N TYR A 401 -22.28 -5.65 15.72
CA TYR A 401 -21.74 -5.36 17.02
C TYR A 401 -22.74 -5.75 18.11
N ASP A 402 -24.02 -5.50 17.85
CA ASP A 402 -25.08 -5.75 18.82
C ASP A 402 -25.22 -7.21 19.21
N ILE A 403 -24.82 -8.09 18.32
CA ILE A 403 -24.87 -9.53 18.60
C ILE A 403 -23.49 -10.18 18.75
N TYR A 404 -22.45 -9.49 18.27
CA TYR A 404 -21.08 -9.97 18.42
C TYR A 404 -20.13 -8.91 19.05
N PRO A 405 -20.51 -8.39 20.22
CA PRO A 405 -19.72 -7.30 20.80
C PRO A 405 -18.28 -7.75 21.07
N GLU A 406 -18.14 -9.02 21.44
CA GLU A 406 -16.86 -9.56 21.88
C GLU A 406 -15.85 -9.65 20.74
N LYS A 407 -16.31 -9.78 19.49
CA LYS A 407 -15.42 -9.95 18.33
C LYS A 407 -14.72 -8.66 17.88
N PHE A 408 -15.36 -7.51 18.06
CA PHE A 408 -14.84 -6.23 17.52
C PHE A 408 -13.69 -5.66 18.36
N ASN A 409 -12.57 -5.43 17.70
CA ASN A 409 -11.39 -4.85 18.33
C ASN A 409 -10.67 -3.89 17.35
N ASN A 410 -9.72 -3.12 17.85
CA ASN A 410 -8.90 -2.28 17.01
C ASN A 410 -7.42 -2.75 16.88
N LYS A 411 -6.83 -2.47 15.72
CA LYS A 411 -5.42 -2.75 15.47
C LYS A 411 -4.91 -1.65 14.58
N THR A 412 -4.30 -0.66 15.19
CA THR A 412 -3.72 0.42 14.44
C THR A 412 -2.63 -0.06 13.50
N ASN A 413 -2.81 0.30 12.23
CA ASN A 413 -1.79 0.04 11.20
C ASN A 413 -0.38 0.41 11.61
N GLY A 414 0.59 -0.18 10.91
CA GLY A 414 2.02 -0.02 11.16
C GLY A 414 2.84 -0.13 9.88
N ILE A 415 4.07 0.38 9.93
CA ILE A 415 5.06 0.18 8.88
C ILE A 415 6.34 -0.48 9.38
N THR A 416 7.01 -1.17 8.47
CA THR A 416 8.25 -1.88 8.81
C THR A 416 9.39 -0.88 8.87
N PHE A 417 10.08 -0.83 10.00
CA PHE A 417 11.14 0.16 10.20
C PHE A 417 12.44 -0.25 9.50
N ARG A 418 12.50 -1.48 9.02
CA ARG A 418 13.65 -1.90 8.27
C ARG A 418 13.64 -1.21 6.91
N ARG A 419 12.54 -1.39 6.20
CA ARG A 419 12.49 -0.88 4.84
C ARG A 419 12.35 0.64 4.85
N TRP A 420 11.60 1.18 5.79
CA TRP A 420 11.26 2.60 5.68
C TRP A 420 12.15 3.50 6.52
N LEU A 421 13.15 2.91 7.19
CA LEU A 421 14.14 3.67 7.94
C LEU A 421 15.55 3.13 7.72
N GLU A 422 15.80 1.93 8.25
CA GLU A 422 17.15 1.35 8.15
C GLU A 422 17.66 1.33 6.72
N PHE A 423 16.80 1.04 5.74
CA PHE A 423 17.22 1.10 4.35
C PHE A 423 16.88 2.39 3.65
N ALA A 424 15.65 2.85 3.82
CA ALA A 424 15.20 3.98 3.05
C ALA A 424 16.08 5.21 3.36
N ASN A 425 16.45 5.35 4.64
CA ASN A 425 17.25 6.48 5.12
C ASN A 425 18.35 6.02 6.04
N GLN A 426 19.36 5.40 5.46
CA GLN A 426 20.51 4.87 6.19
C GLN A 426 21.24 5.97 6.98
N ASP A 427 21.41 7.10 6.32
CA ASP A 427 22.01 8.25 6.97
C ASP A 427 21.29 8.53 8.30
N LEU A 428 19.95 8.62 8.23
CA LEU A 428 19.18 8.98 9.39
C LEU A 428 19.29 7.89 10.39
N ALA A 429 19.22 6.65 9.90
CA ALA A 429 19.29 5.48 10.78
C ALA A 429 20.57 5.46 11.62
N ALA A 430 21.69 5.78 10.98
CA ALA A 430 22.96 5.83 11.70
C ALA A 430 22.95 6.96 12.75
N TYR A 431 22.44 8.13 12.36
CA TYR A 431 22.35 9.26 13.27
C TYR A 431 21.52 8.94 14.50
N ILE A 432 20.40 8.28 14.33
CA ILE A 432 19.56 7.97 15.48
C ILE A 432 20.38 7.16 16.51
N LYS A 433 21.06 6.14 16.00
CA LYS A 433 21.86 5.26 16.83
C LYS A 433 22.96 6.07 17.50
N GLU A 434 23.51 6.99 16.73
CA GLU A 434 24.53 7.89 17.25
C GLU A 434 24.09 8.57 18.56
N LEU A 435 22.81 9.00 18.62
CA LEU A 435 22.29 9.90 19.66
C LEU A 435 21.69 9.12 20.82
N ILE A 436 20.82 8.15 20.53
CA ILE A 436 20.01 7.50 21.56
C ILE A 436 20.28 6.01 21.63
N GLY A 437 21.25 5.54 20.86
CA GLY A 437 21.68 4.14 20.95
C GLY A 437 20.91 3.21 20.04
N GLU A 438 21.06 1.92 20.27
CA GLU A 438 20.59 0.89 19.34
C GLU A 438 19.33 0.20 19.87
N GLY A 439 18.75 0.78 20.90
CA GLY A 439 17.62 0.16 21.59
C GLY A 439 16.34 0.26 20.77
N TYR A 440 16.24 1.28 19.95
CA TYR A 440 15.00 1.48 19.21
C TYR A 440 14.68 0.37 18.18
N LEU A 441 15.68 -0.45 17.87
CA LEU A 441 15.50 -1.62 16.99
C LEU A 441 14.58 -2.67 17.63
N GLU A 442 14.71 -2.87 18.93
CA GLU A 442 13.84 -3.81 19.63
C GLU A 442 12.55 -3.08 20.08
N ASP A 443 12.65 -1.77 20.30
CA ASP A 443 11.52 -1.02 20.82
C ASP A 443 11.49 0.36 20.22
N ALA A 444 10.57 0.55 19.29
CA ALA A 444 10.55 1.74 18.45
C ALA A 444 10.09 2.94 19.28
N THR A 445 9.39 2.69 20.37
CA THR A 445 8.99 3.78 21.24
C THR A 445 10.18 4.52 21.90
N GLU A 446 11.35 3.86 21.97
CA GLU A 446 12.57 4.51 22.44
C GLU A 446 13.11 5.58 21.50
N LEU A 447 12.44 5.83 20.39
CA LEU A 447 12.63 7.07 19.65
C LEU A 447 12.20 8.37 20.40
N GLU A 448 11.35 8.27 21.42
CA GLU A 448 11.06 9.41 22.31
C GLU A 448 12.26 10.01 23.07
N LYS A 449 13.37 9.27 23.14
CA LYS A 449 14.61 9.79 23.69
C LYS A 449 15.20 10.90 22.85
N LEU A 450 14.78 10.99 21.59
CA LEU A 450 15.16 12.07 20.71
C LEU A 450 14.59 13.41 21.14
N LEU A 451 13.57 13.39 21.98
CA LEU A 451 12.98 14.62 22.50
C LEU A 451 14.01 15.50 23.23
N ALA A 452 14.82 14.88 24.07
CA ALA A 452 15.92 15.56 24.77
C ALA A 452 16.85 16.41 23.87
N PHE A 453 16.83 16.15 22.57
CA PHE A 453 17.60 16.91 21.63
C PHE A 453 16.76 17.86 20.82
N ALA A 454 15.54 18.13 21.28
CA ALA A 454 14.60 18.98 20.52
C ALA A 454 15.14 20.40 20.26
N ASP A 455 15.85 20.94 21.25
CA ASP A 455 16.34 22.33 21.19
C ASP A 455 17.82 22.42 20.80
N ASP A 456 18.45 21.27 20.56
CA ASP A 456 19.87 21.23 20.25
C ASP A 456 20.14 21.68 18.81
N LYS A 457 20.78 22.83 18.66
CA LYS A 457 21.09 23.43 17.36
C LYS A 457 22.01 22.54 16.52
N THR A 458 22.92 21.82 17.17
CA THR A 458 23.83 20.93 16.47
C THR A 458 23.09 19.86 15.68
N VAL A 459 22.03 19.34 16.29
CA VAL A 459 21.18 18.37 15.63
C VAL A 459 20.40 19.01 14.46
N HIS A 460 19.74 20.13 14.70
CA HIS A 460 18.95 20.79 13.65
C HIS A 460 19.78 20.96 12.36
N GLU A 461 21.06 21.17 12.56
CA GLU A 461 22.00 21.34 11.48
C GLU A 461 22.25 20.00 10.76
N GLN A 462 22.27 18.91 11.51
CA GLN A 462 22.56 17.60 10.95
C GLN A 462 21.35 17.09 10.17
N LEU A 463 20.17 17.21 10.77
CA LEU A 463 18.95 16.71 10.15
C LEU A 463 18.76 17.37 8.79
N ALA A 464 19.03 18.66 8.74
CA ALA A 464 18.88 19.38 7.50
C ALA A 464 19.89 18.89 6.48
N LYS A 465 21.03 18.42 6.96
CA LYS A 465 22.11 17.91 6.11
C LYS A 465 21.76 16.57 5.53
N ILE A 466 21.28 15.69 6.40
CA ILE A 466 20.79 14.39 6.00
C ILE A 466 19.68 14.54 4.99
N LYS A 467 18.73 15.43 5.30
CA LYS A 467 17.67 15.78 4.37
C LYS A 467 18.23 16.13 3.00
N PHE A 468 19.25 16.98 3.00
CA PHE A 468 19.86 17.45 1.80
C PHE A 468 20.54 16.31 1.05
N ASN A 469 21.27 15.45 1.76
CA ASN A 469 21.88 14.28 1.12
C ASN A 469 20.83 13.36 0.50
N ASN A 470 19.74 13.13 1.23
CA ASN A 470 18.68 12.28 0.70
C ASN A 470 18.08 12.88 -0.59
N LYS A 471 18.07 14.21 -0.66
CA LYS A 471 17.62 14.86 -1.87
C LYS A 471 18.55 14.52 -3.00
N LEU A 472 19.84 14.41 -2.67
CA LEU A 472 20.87 14.10 -3.69
C LEU A 472 20.74 12.68 -4.15
N ALA A 473 20.54 11.77 -3.19
CA ALA A 473 20.22 10.37 -3.50
C ALA A 473 19.00 10.24 -4.46
N LEU A 474 18.00 11.07 -4.21
CA LEU A 474 16.83 11.12 -5.08
C LEU A 474 17.15 11.71 -6.46
N LYS A 475 17.88 12.81 -6.45
CA LYS A 475 18.24 13.48 -7.70
C LYS A 475 18.96 12.52 -8.64
N ARG A 476 19.93 11.76 -8.09
CA ARG A 476 20.62 10.72 -8.86
C ARG A 476 19.58 9.79 -9.47
N TYR A 477 18.71 9.26 -8.61
CA TYR A 477 17.72 8.30 -9.05
C TYR A 477 16.80 8.85 -10.17
N LEU A 478 16.19 10.00 -9.93
CA LEU A 478 15.22 10.59 -10.86
C LEU A 478 15.81 10.85 -12.22
N LYS A 479 17.03 11.38 -12.20
CA LYS A 479 17.76 11.59 -13.43
C LYS A 479 18.00 10.27 -14.13
N GLU A 480 18.44 9.28 -13.37
CA GLU A 480 18.84 8.03 -13.93
C GLU A 480 17.67 7.21 -14.49
N ASN A 481 16.51 7.20 -13.80
CA ASN A 481 15.43 6.24 -14.14
C ASN A 481 14.12 6.86 -14.54
N LYS A 482 13.95 8.15 -14.27
CA LYS A 482 12.70 8.82 -14.56
C LYS A 482 12.88 10.00 -15.49
N GLY A 483 14.06 10.17 -16.07
CA GLY A 483 14.35 11.28 -16.96
C GLY A 483 13.99 12.64 -16.39
N ILE A 484 14.24 12.82 -15.09
CA ILE A 484 13.85 14.06 -14.40
C ILE A 484 15.07 14.76 -13.78
N ASN A 485 15.11 16.08 -14.01
CA ASN A 485 16.09 16.97 -13.42
C ASN A 485 15.58 17.71 -12.19
N LEU A 486 15.86 17.15 -11.02
CA LEU A 486 15.40 17.68 -9.78
C LEU A 486 16.40 18.70 -9.29
N ASP A 487 15.91 19.86 -8.80
CA ASP A 487 16.77 20.81 -8.07
C ASP A 487 16.88 20.56 -6.57
N GLU A 488 18.04 20.08 -6.14
CA GLU A 488 18.29 19.69 -4.76
C GLU A 488 18.18 20.87 -3.80
N ASN A 489 18.35 22.07 -4.35
CA ASN A 489 18.30 23.29 -3.54
C ASN A 489 16.88 23.87 -3.60
N SER A 490 15.90 23.07 -3.24
CA SER A 490 14.52 23.52 -3.26
C SER A 490 13.76 22.86 -2.17
N ILE A 491 12.62 23.45 -1.84
CA ILE A 491 11.69 22.83 -0.92
C ILE A 491 10.93 21.79 -1.71
N ILE A 492 10.90 20.56 -1.16
CA ILE A 492 10.27 19.43 -1.84
C ILE A 492 8.95 19.09 -1.19
N ASP A 493 7.90 19.22 -1.99
CA ASP A 493 6.55 18.96 -1.54
C ASP A 493 5.96 17.76 -2.27
N THR A 494 5.66 16.69 -1.55
CA THR A 494 5.35 15.39 -2.16
C THR A 494 3.95 14.92 -1.81
N GLN A 495 3.16 14.60 -2.83
CA GLN A 495 1.91 13.87 -2.67
C GLN A 495 1.93 12.57 -3.45
N ILE A 496 2.10 11.45 -2.77
CA ILE A 496 2.17 10.16 -3.42
C ILE A 496 1.01 9.23 -3.01
N LYS A 497 -0.05 9.26 -3.80
CA LYS A 497 -1.24 8.44 -3.57
C LYS A 497 -1.90 8.14 -4.92
N ARG A 498 -2.80 7.15 -4.91
CA ARG A 498 -3.56 6.80 -6.10
C ARG A 498 -4.49 7.95 -6.47
N PHE A 499 -4.86 8.03 -7.73
CA PHE A 499 -5.60 9.18 -8.17
C PHE A 499 -7.07 8.92 -8.00
N HIS A 500 -7.65 9.68 -7.07
CA HIS A 500 -9.08 9.72 -6.87
C HIS A 500 -9.48 11.13 -6.48
N GLU A 501 -10.63 11.61 -6.96
CA GLU A 501 -11.14 12.94 -6.58
C GLU A 501 -11.06 13.22 -5.09
N TYR A 502 -11.28 12.25 -4.22
CA TYR A 502 -11.33 12.52 -2.78
C TYR A 502 -9.96 12.57 -2.16
N LYS A 503 -8.96 12.06 -2.87
CA LYS A 503 -7.56 12.28 -2.51
C LYS A 503 -7.09 13.70 -2.85
N ARG A 504 -7.82 14.33 -3.77
CA ARG A 504 -7.70 15.77 -4.05
C ARG A 504 -6.28 16.14 -4.47
N GLN A 505 -5.74 15.39 -5.41
CA GLN A 505 -4.53 15.84 -6.07
C GLN A 505 -4.86 17.11 -6.87
N GLN A 506 -6.08 17.18 -7.36
CA GLN A 506 -6.54 18.33 -8.15
C GLN A 506 -6.57 19.62 -7.34
N MET A 507 -6.78 19.48 -6.05
CA MET A 507 -6.66 20.63 -5.17
C MET A 507 -5.22 21.16 -5.16
N ASN A 508 -4.27 20.24 -5.02
CA ASN A 508 -2.85 20.57 -5.01
C ASN A 508 -2.46 21.19 -6.37
N ALA A 509 -2.96 20.63 -7.47
CA ALA A 509 -2.81 21.25 -8.80
C ALA A 509 -3.41 22.66 -8.90
N LEU A 510 -4.55 22.89 -8.26
CA LEU A 510 -5.10 24.25 -8.28
C LEU A 510 -4.18 25.22 -7.52
N TYR A 511 -3.57 24.74 -6.43
CA TYR A 511 -2.57 25.54 -5.74
C TYR A 511 -1.34 25.87 -6.57
N VAL A 512 -0.85 24.88 -7.29
CA VAL A 512 0.20 25.12 -8.26
C VAL A 512 -0.17 26.24 -9.22
N ILE A 513 -1.39 26.23 -9.76
CA ILE A 513 -1.80 27.27 -10.70
C ILE A 513 -1.77 28.64 -10.02
N TYR A 514 -2.20 28.67 -8.77
CA TYR A 514 -2.09 29.88 -7.98
C TYR A 514 -0.62 30.32 -7.96
N LYS A 515 0.24 29.48 -7.41
CA LYS A 515 1.59 29.89 -7.11
C LYS A 515 2.27 30.38 -8.38
N TYR A 516 1.97 29.68 -9.48
CA TYR A 516 2.39 30.09 -10.81
C TYR A 516 1.91 31.48 -11.13
N LEU A 517 0.65 31.79 -10.85
CA LEU A 517 0.13 33.13 -11.11
C LEU A 517 0.75 34.20 -10.22
N GLU A 518 1.14 33.82 -8.99
CA GLU A 518 1.81 34.76 -8.08
C GLU A 518 3.21 35.12 -8.53
N ILE A 519 3.91 34.14 -9.08
CA ILE A 519 5.21 34.37 -9.65
C ILE A 519 5.08 35.25 -10.90
N LYS A 520 4.09 35.01 -11.73
CA LYS A 520 3.92 35.83 -12.92
C LYS A 520 3.54 37.27 -12.56
N LYS A 521 2.87 37.45 -11.43
CA LYS A 521 2.65 38.79 -10.91
C LYS A 521 3.94 39.47 -10.44
N GLY A 522 4.97 38.68 -10.16
CA GLY A 522 6.21 39.20 -9.66
C GLY A 522 6.38 39.01 -8.18
N ASN A 523 5.39 38.41 -7.53
CA ASN A 523 5.50 38.02 -6.11
C ASN A 523 6.19 36.68 -5.90
N LEU A 524 7.46 36.75 -5.58
CA LEU A 524 8.31 35.60 -5.75
C LEU A 524 8.48 34.91 -4.41
N PRO A 525 8.74 33.60 -4.44
CA PRO A 525 8.95 32.82 -3.23
C PRO A 525 10.26 33.18 -2.62
N LYS A 526 10.37 33.10 -1.31
CA LYS A 526 11.70 33.16 -0.64
C LYS A 526 12.62 32.06 -1.14
N ARG A 527 12.09 30.84 -1.26
CA ARG A 527 12.87 29.67 -1.66
C ARG A 527 12.13 28.98 -2.79
N LYS A 528 12.87 28.21 -3.60
CA LYS A 528 12.30 27.46 -4.72
C LYS A 528 11.53 26.24 -4.22
N ILE A 529 10.44 25.95 -4.92
CA ILE A 529 9.52 24.89 -4.53
C ILE A 529 9.43 23.85 -5.63
N THR A 530 9.49 22.59 -5.21
CA THR A 530 9.34 21.50 -6.13
C THR A 530 8.19 20.65 -5.63
N VAL A 531 7.06 20.70 -6.35
CA VAL A 531 5.92 19.84 -6.08
C VAL A 531 6.01 18.56 -6.89
N ILE A 532 5.90 17.41 -6.23
CA ILE A 532 6.04 16.14 -6.90
C ILE A 532 4.84 15.30 -6.61
N PHE A 533 4.24 14.75 -7.66
CA PHE A 533 3.14 13.82 -7.52
C PHE A 533 3.58 12.44 -7.88
N GLY A 534 2.82 11.45 -7.40
CA GLY A 534 3.02 10.05 -7.79
C GLY A 534 1.82 9.20 -7.48
N GLY A 535 1.47 8.35 -8.46
CA GLY A 535 0.41 7.35 -8.30
C GLY A 535 -0.27 7.07 -9.61
N LYS A 536 -1.05 5.97 -9.64
CA LYS A 536 -1.78 5.54 -10.85
C LYS A 536 -3.24 6.00 -10.75
N ALA A 537 -3.95 6.00 -11.89
CA ALA A 537 -5.40 6.12 -11.89
C ALA A 537 -6.08 4.93 -12.64
N ALA A 538 -7.25 4.53 -12.17
CA ALA A 538 -8.05 3.51 -12.85
C ALA A 538 -8.38 3.93 -14.27
N PRO A 539 -8.07 3.09 -15.26
CA PRO A 539 -8.23 3.46 -16.69
C PRO A 539 -9.62 3.96 -17.04
N ALA A 540 -10.62 3.48 -16.29
CA ALA A 540 -12.00 3.82 -16.54
C ALA A 540 -12.37 5.12 -15.87
N TYR A 541 -11.58 5.55 -14.88
CA TYR A 541 -11.87 6.77 -14.13
C TYR A 541 -11.45 8.00 -14.91
N THR A 542 -12.39 8.61 -15.65
CA THR A 542 -12.05 9.61 -16.65
C THR A 542 -11.57 10.93 -15.99
N ILE A 543 -12.34 11.39 -15.00
CA ILE A 543 -11.96 12.59 -14.27
C ILE A 543 -10.56 12.45 -13.68
N ALA A 544 -10.20 11.28 -13.15
CA ALA A 544 -8.88 11.11 -12.53
C ALA A 544 -7.81 11.23 -13.58
N GLN A 545 -8.07 10.66 -14.75
CA GLN A 545 -7.16 10.84 -15.88
C GLN A 545 -7.08 12.28 -16.47
N ASP A 546 -8.22 12.99 -16.48
CA ASP A 546 -8.19 14.45 -16.75
C ASP A 546 -7.29 15.21 -15.78
N ILE A 547 -7.36 14.85 -14.52
CA ILE A 547 -6.52 15.48 -13.49
C ILE A 547 -5.06 15.18 -13.79
N ILE A 548 -4.76 13.92 -14.04
CA ILE A 548 -3.39 13.56 -14.33
C ILE A 548 -2.91 14.36 -15.54
N HIS A 549 -3.75 14.42 -16.57
CA HIS A 549 -3.44 15.21 -17.77
C HIS A 549 -3.14 16.70 -17.47
N LEU A 550 -3.96 17.29 -16.63
CA LEU A 550 -3.68 18.63 -16.23
C LEU A 550 -2.28 18.73 -15.67
N ILE A 551 -1.99 17.97 -14.63
CA ILE A 551 -0.74 18.16 -13.90
C ILE A 551 0.44 17.97 -14.85
N LEU A 552 0.27 17.13 -15.86
CA LEU A 552 1.32 16.95 -16.85
C LEU A 552 1.47 18.14 -17.76
N CYS A 553 0.33 18.76 -18.11
CA CYS A 553 0.36 20.03 -18.86
C CYS A 553 1.03 21.09 -18.01
N LEU A 554 0.68 21.14 -16.74
CA LEU A 554 1.27 22.14 -15.87
C LEU A 554 2.77 21.95 -15.78
N SER A 555 3.27 20.75 -15.51
CA SER A 555 4.72 20.59 -15.26
C SER A 555 5.53 20.94 -16.54
N GLU A 556 4.93 20.69 -17.70
CA GLU A 556 5.49 21.18 -18.95
C GLU A 556 5.45 22.71 -19.09
N LEU A 557 4.32 23.32 -18.75
CA LEU A 557 4.25 24.78 -18.75
C LEU A 557 5.22 25.40 -17.78
N ILE A 558 5.18 24.91 -16.54
CA ILE A 558 6.00 25.43 -15.44
C ILE A 558 7.49 25.26 -15.70
N ASN A 559 7.94 24.04 -15.95
CA ASN A 559 9.37 23.78 -16.01
C ASN A 559 10.10 24.33 -17.28
N ASN A 560 9.33 24.81 -18.25
CA ASN A 560 9.89 25.39 -19.50
C ASN A 560 9.71 26.91 -19.62
N ASP A 561 9.48 27.59 -18.50
CA ASP A 561 9.27 29.02 -18.49
C ASP A 561 10.38 29.63 -17.68
N PRO A 562 11.30 30.34 -18.36
CA PRO A 562 12.49 30.89 -17.74
C PRO A 562 12.13 31.84 -16.62
N ASP A 563 10.97 32.48 -16.71
CA ASP A 563 10.52 33.43 -15.68
C ASP A 563 10.15 32.73 -14.38
N VAL A 564 9.61 31.51 -14.49
CA VAL A 564 9.06 30.79 -13.35
C VAL A 564 9.95 29.66 -12.87
N SER A 565 10.66 29.03 -13.82
CA SER A 565 11.52 27.85 -13.57
C SER A 565 12.39 28.00 -12.34
N PRO A 566 12.99 29.19 -12.14
CA PRO A 566 13.91 29.34 -11.01
C PRO A 566 13.23 29.25 -9.68
N TYR A 567 11.90 29.30 -9.68
CA TYR A 567 11.12 29.41 -8.44
C TYR A 567 10.13 28.24 -8.20
N LEU A 568 9.75 27.54 -9.27
CA LEU A 568 8.73 26.49 -9.18
C LEU A 568 8.97 25.35 -10.15
N ASN A 569 9.04 24.14 -9.61
CA ASN A 569 9.14 22.95 -10.43
C ASN A 569 7.98 22.06 -10.06
N VAL A 570 7.37 21.44 -11.07
CA VAL A 570 6.31 20.43 -10.85
C VAL A 570 6.63 19.12 -11.57
N PHE A 571 6.47 18.03 -10.85
CA PHE A 571 6.77 16.75 -11.42
C PHE A 571 5.71 15.72 -11.10
N LEU A 572 5.35 14.92 -12.10
CA LEU A 572 4.65 13.66 -11.89
C LEU A 572 5.54 12.46 -12.23
N VAL A 573 6.08 11.80 -11.22
CA VAL A 573 6.97 10.69 -11.44
C VAL A 573 6.16 9.54 -12.04
N GLU A 574 6.73 8.92 -13.07
CA GLU A 574 6.05 7.91 -13.89
C GLU A 574 6.03 6.62 -13.12
N ASN A 575 4.88 5.93 -13.13
CA ASN A 575 4.78 4.57 -12.61
C ASN A 575 5.18 4.44 -11.13
N TYR A 576 4.53 5.26 -10.32
CA TYR A 576 4.77 5.26 -8.89
C TYR A 576 4.64 3.86 -8.28
N ASN A 577 5.54 3.55 -7.35
CA ASN A 577 5.60 2.26 -6.70
C ASN A 577 6.51 2.27 -5.47
N VAL A 578 6.86 1.09 -4.97
CA VAL A 578 7.52 1.01 -3.68
C VAL A 578 8.89 1.62 -3.78
N THR A 579 9.64 1.20 -4.77
CA THR A 579 11.01 1.65 -4.89
C THR A 579 11.15 3.15 -5.18
N VAL A 580 10.14 3.74 -5.83
CA VAL A 580 10.02 5.22 -5.96
C VAL A 580 9.66 5.91 -4.65
N ALA A 581 8.78 5.31 -3.88
CA ALA A 581 8.49 5.86 -2.59
C ALA A 581 9.76 5.89 -1.72
N GLU A 582 10.56 4.82 -1.78
CA GLU A 582 11.78 4.71 -0.93
C GLU A 582 12.77 5.83 -1.18
N LYS A 583 12.70 6.41 -2.38
CA LYS A 583 13.51 7.54 -2.76
C LYS A 583 12.83 8.86 -2.41
N LEU A 584 11.53 9.00 -2.74
CA LEU A 584 10.84 10.26 -2.51
C LEU A 584 10.73 10.63 -1.05
N ILE A 585 10.38 9.66 -0.20
CA ILE A 585 9.97 9.97 1.18
C ILE A 585 11.09 10.49 2.08
N PRO A 586 12.26 9.87 2.03
CA PRO A 586 13.37 10.37 2.84
C PRO A 586 13.92 11.74 2.37
N ALA A 587 13.50 12.19 1.20
CA ALA A 587 13.95 13.45 0.70
C ALA A 587 12.87 14.52 0.76
N THR A 588 11.79 14.28 1.47
CA THR A 588 10.62 15.14 1.37
C THR A 588 10.62 16.06 2.59
N ASP A 589 10.29 17.33 2.34
CA ASP A 589 9.99 18.30 3.40
C ASP A 589 8.50 18.29 3.75
N ILE A 590 7.65 18.50 2.74
CA ILE A 590 6.21 18.60 2.96
C ILE A 590 5.43 17.36 2.52
N SER A 591 4.79 16.69 3.47
CA SER A 591 3.98 15.48 3.25
C SER A 591 2.54 15.88 3.01
N GLU A 592 2.11 15.76 1.76
CA GLU A 592 0.76 16.07 1.36
C GLU A 592 -0.21 14.93 1.68
N GLN A 593 -1.07 15.19 2.67
CA GLN A 593 -2.10 14.24 3.07
C GLN A 593 -3.42 14.96 3.17
N ILE A 594 -3.97 15.33 2.02
CA ILE A 594 -5.07 16.30 1.93
C ILE A 594 -6.39 15.70 1.43
N SER A 595 -6.56 14.39 1.59
CA SER A 595 -7.85 13.79 1.23
C SER A 595 -9.00 14.43 2.03
N LEU A 596 -10.21 14.38 1.46
CA LEU A 596 -11.44 14.86 2.10
C LEU A 596 -11.61 14.27 3.49
N ALA A 597 -12.43 14.91 4.32
CA ALA A 597 -12.31 14.78 5.76
C ALA A 597 -12.90 13.44 6.26
N SER A 598 -13.79 12.85 5.52
CA SER A 598 -14.45 11.67 6.04
C SER A 598 -14.08 10.36 5.31
N LYS A 599 -13.09 10.43 4.42
CA LYS A 599 -12.86 9.39 3.44
C LYS A 599 -11.63 8.53 3.73
N GLU A 600 -10.80 8.91 4.69
CA GLU A 600 -9.62 8.12 5.01
C GLU A 600 -9.73 7.44 6.33
N ALA A 601 -9.43 6.15 6.37
CA ALA A 601 -9.44 5.40 7.59
C ALA A 601 -8.08 5.39 8.27
N SER A 602 -7.03 5.30 7.46
CA SER A 602 -5.67 5.24 7.99
C SER A 602 -4.70 5.98 7.06
N GLY A 603 -3.66 5.32 6.58
CA GLY A 603 -2.70 5.98 5.75
C GLY A 603 -1.33 5.71 6.29
N THR A 604 -0.71 4.67 5.77
CA THR A 604 0.65 4.33 6.13
C THR A 604 1.65 5.30 5.49
N GLY A 605 1.34 5.82 4.31
CA GLY A 605 2.17 6.88 3.71
C GLY A 605 2.46 8.01 4.68
N ASN A 606 1.41 8.54 5.29
CA ASN A 606 1.53 9.49 6.42
C ASN A 606 2.56 9.03 7.42
N MET A 607 2.50 7.77 7.78
CA MET A 607 3.36 7.20 8.82
C MET A 607 4.81 7.11 8.37
N LYS A 608 5.03 6.92 7.09
CA LYS A 608 6.38 6.85 6.56
C LYS A 608 7.03 8.26 6.57
N PHE A 609 6.29 9.28 6.12
CA PHE A 609 6.84 10.63 6.04
C PHE A 609 7.23 11.09 7.44
N MET A 610 6.41 10.76 8.42
CA MET A 610 6.62 11.15 9.81
C MET A 610 7.96 10.61 10.25
N LEU A 611 8.21 9.36 9.91
CA LEU A 611 9.47 8.72 10.32
C LEU A 611 10.69 9.31 9.64
N ASN A 612 10.54 9.83 8.42
CA ASN A 612 11.69 10.28 7.60
C ASN A 612 11.93 11.80 7.69
N GLY A 613 11.46 12.39 8.78
CA GLY A 613 11.67 13.80 9.01
C GLY A 613 10.96 14.62 7.98
N ALA A 614 9.64 14.47 7.92
CA ALA A 614 8.84 15.37 7.12
C ALA A 614 7.64 15.86 7.91
N LEU A 615 7.39 17.15 7.81
CA LEU A 615 6.21 17.73 8.43
C LEU A 615 5.00 17.56 7.52
N THR A 616 3.87 17.32 8.16
CA THR A 616 2.69 16.94 7.47
C THR A 616 1.75 18.13 7.28
N LEU A 617 1.24 18.26 6.05
CA LEU A 617 0.19 19.20 5.71
C LEU A 617 -1.08 18.51 5.22
N GLY A 618 -2.15 18.58 6.01
CA GLY A 618 -3.30 17.70 5.80
C GLY A 618 -4.56 17.97 6.60
N THR A 619 -5.55 17.09 6.44
CA THR A 619 -6.88 17.26 6.99
C THR A 619 -6.92 16.48 8.27
N MET A 620 -7.87 16.82 9.14
CA MET A 620 -7.98 16.11 10.41
C MET A 620 -8.75 14.82 10.24
N ASP A 621 -8.06 13.80 9.75
CA ASP A 621 -8.71 12.54 9.38
C ASP A 621 -7.67 11.43 9.21
N GLY A 622 -8.06 10.22 9.44
CA GLY A 622 -7.19 9.11 9.10
C GLY A 622 -6.06 9.05 10.08
N ALA A 623 -4.87 8.72 9.57
CA ALA A 623 -3.68 8.59 10.41
C ALA A 623 -3.25 9.96 10.96
N ASN A 624 -3.58 11.00 10.20
CA ASN A 624 -3.33 12.37 10.63
C ASN A 624 -3.81 12.59 12.07
N VAL A 625 -4.93 11.97 12.41
CA VAL A 625 -5.55 12.20 13.71
C VAL A 625 -4.60 11.77 14.81
N GLU A 626 -4.07 10.56 14.70
CA GLU A 626 -3.12 9.99 15.69
C GLU A 626 -1.81 10.74 15.66
N ILE A 627 -1.39 11.16 14.47
CA ILE A 627 -0.16 11.91 14.36
C ILE A 627 -0.30 13.24 15.10
N ALA A 628 -1.29 14.03 14.75
CA ALA A 628 -1.55 15.32 15.38
C ALA A 628 -1.69 15.21 16.88
N GLU A 629 -2.12 14.06 17.35
CA GLU A 629 -2.20 13.83 18.77
C GLU A 629 -0.81 13.62 19.35
N LEU A 630 0.02 12.82 18.69
CA LEU A 630 1.31 12.42 19.25
C LEU A 630 2.31 13.57 19.31
N VAL A 631 2.28 14.41 18.28
CA VAL A 631 3.04 15.64 18.24
C VAL A 631 2.14 16.78 18.70
N GLY A 632 2.60 18.01 18.57
CA GLY A 632 1.80 19.15 18.95
C GLY A 632 1.08 19.72 17.76
N SER A 633 0.04 20.50 18.02
CA SER A 633 -0.63 21.24 16.95
C SER A 633 0.31 22.13 16.15
N ASP A 634 1.36 22.62 16.81
CA ASP A 634 2.40 23.44 16.15
C ASP A 634 3.36 22.63 15.30
N ASN A 635 3.48 21.34 15.61
CA ASN A 635 4.35 20.43 14.87
C ASN A 635 3.61 19.70 13.76
N ILE A 636 2.51 20.30 13.29
CA ILE A 636 1.80 19.84 12.14
C ILE A 636 0.88 20.94 11.62
N TYR A 637 0.55 20.88 10.33
CA TYR A 637 -0.23 21.94 9.67
C TYR A 637 -1.59 21.43 9.18
N ILE A 638 -2.50 21.23 10.12
CA ILE A 638 -3.83 20.77 9.81
C ILE A 638 -4.71 21.87 9.24
N PHE A 639 -5.53 21.54 8.26
CA PHE A 639 -6.47 22.49 7.70
C PHE A 639 -7.76 21.81 7.27
N GLY A 640 -8.66 22.59 6.66
CA GLY A 640 -9.91 22.08 6.07
C GLY A 640 -10.94 21.79 7.13
N LYS A 641 -12.10 21.29 6.71
CA LYS A 641 -13.26 21.09 7.58
C LYS A 641 -13.13 19.81 8.40
N ASP A 642 -13.88 19.72 9.50
CA ASP A 642 -13.99 18.51 10.32
C ASP A 642 -14.61 17.36 9.53
N SER A 643 -14.28 16.14 9.93
CA SER A 643 -15.01 14.98 9.41
C SER A 643 -16.53 15.16 9.55
N ASP A 644 -16.96 15.66 10.71
CA ASP A 644 -18.40 15.73 10.99
C ASP A 644 -19.07 16.66 10.00
N THR A 645 -18.36 17.73 9.65
CA THR A 645 -18.93 18.80 8.89
C THR A 645 -19.18 18.35 7.46
N ILE A 646 -18.24 17.55 6.95
CA ILE A 646 -18.37 16.97 5.61
C ILE A 646 -19.55 16.01 5.56
N ILE A 647 -19.61 15.12 6.54
CA ILE A 647 -20.64 14.10 6.51
C ILE A 647 -22.01 14.81 6.50
N ASP A 648 -22.12 15.76 7.39
CA ASP A 648 -23.36 16.46 7.52
C ASP A 648 -23.69 17.20 6.25
N LEU A 649 -22.68 17.80 5.62
CA LEU A 649 -22.91 18.52 4.40
C LEU A 649 -23.35 17.61 3.23
N TYR A 650 -22.77 16.42 3.19
CA TYR A 650 -23.27 15.38 2.30
C TYR A 650 -24.73 15.05 2.62
N ASP A 651 -25.03 14.91 3.90
CA ASP A 651 -26.39 14.64 4.33
C ASP A 651 -27.38 15.76 3.90
N LYS A 652 -27.03 17.02 4.10
CA LYS A 652 -27.93 18.10 3.69
C LYS A 652 -27.97 18.31 2.18
N GLY A 653 -26.93 17.87 1.49
CA GLY A 653 -26.86 17.99 0.03
C GLY A 653 -26.87 19.44 -0.42
N THR A 654 -26.40 20.35 0.43
CA THR A 654 -26.47 21.78 0.14
C THR A 654 -25.13 22.37 -0.38
N TYR A 655 -24.13 21.53 -0.60
CA TYR A 655 -22.87 21.97 -1.22
C TYR A 655 -23.01 22.32 -2.72
N VAL A 656 -22.60 23.53 -3.08
CA VAL A 656 -22.63 23.97 -4.45
C VAL A 656 -21.26 24.56 -4.76
N SER A 657 -20.45 23.79 -5.50
CA SER A 657 -19.08 24.18 -5.79
C SER A 657 -19.00 25.47 -6.63
N LYS A 658 -19.99 25.69 -7.48
CA LYS A 658 -20.11 26.96 -8.23
C LYS A 658 -20.06 28.22 -7.34
N ASP A 659 -20.59 28.17 -6.13
CA ASP A 659 -20.56 29.36 -5.26
C ASP A 659 -19.13 29.66 -4.80
N TYR A 660 -18.39 28.63 -4.43
CA TYR A 660 -16.98 28.82 -4.05
C TYR A 660 -16.15 29.40 -5.21
N TYR A 661 -16.42 28.89 -6.40
CA TYR A 661 -15.77 29.36 -7.61
C TYR A 661 -16.03 30.83 -7.82
N THR A 662 -17.29 31.27 -7.81
CA THR A 662 -17.58 32.66 -8.19
C THR A 662 -17.15 33.61 -7.06
N ASN A 663 -17.30 33.18 -5.81
CA ASN A 663 -17.21 34.11 -4.67
C ASN A 663 -15.79 34.38 -4.21
N ASN A 664 -14.89 33.41 -4.46
CA ASN A 664 -13.50 33.51 -4.07
C ASN A 664 -12.51 33.70 -5.20
N ALA A 665 -11.85 34.85 -5.21
CA ALA A 665 -11.00 35.19 -6.31
C ALA A 665 -9.88 34.18 -6.53
N VAL A 666 -9.25 33.79 -5.43
CA VAL A 666 -8.20 32.79 -5.50
C VAL A 666 -8.69 31.63 -6.39
N ILE A 667 -9.89 31.14 -6.10
CA ILE A 667 -10.40 29.94 -6.76
C ILE A 667 -10.81 30.29 -8.19
N LYS A 668 -11.62 31.32 -8.33
CA LYS A 668 -12.11 31.76 -9.61
C LYS A 668 -10.95 31.76 -10.62
N GLU A 669 -9.81 32.30 -10.19
CA GLU A 669 -8.68 32.53 -11.09
C GLU A 669 -7.98 31.21 -11.41
N ALA A 670 -7.74 30.39 -10.39
CA ALA A 670 -7.10 29.10 -10.61
C ALA A 670 -7.90 28.23 -11.58
N VAL A 671 -9.21 28.17 -11.39
CA VAL A 671 -10.05 27.26 -12.18
C VAL A 671 -10.10 27.75 -13.63
N ASP A 672 -10.25 29.05 -13.82
CA ASP A 672 -10.29 29.61 -15.18
C ASP A 672 -9.02 29.36 -15.95
N PHE A 673 -7.91 29.19 -15.25
CA PHE A 673 -6.62 28.93 -15.90
C PHE A 673 -6.55 27.57 -16.58
N ILE A 674 -7.33 26.61 -16.09
CA ILE A 674 -7.33 25.26 -16.65
C ILE A 674 -7.66 25.28 -18.14
N VAL A 675 -8.51 26.19 -18.56
CA VAL A 675 -8.91 26.28 -19.96
C VAL A 675 -8.32 27.52 -20.63
N SER A 676 -7.34 28.15 -19.98
CA SER A 676 -6.61 29.27 -20.58
C SER A 676 -5.81 28.83 -21.81
N LYS A 677 -5.38 29.83 -22.58
CA LYS A 677 -4.74 29.64 -23.88
C LYS A 677 -3.44 28.84 -23.74
N ASP A 678 -2.64 29.17 -22.72
CA ASP A 678 -1.38 28.46 -22.46
C ASP A 678 -1.58 26.98 -22.27
N VAL A 679 -2.57 26.60 -21.48
CA VAL A 679 -2.75 25.22 -21.09
C VAL A 679 -3.43 24.47 -22.23
N LEU A 680 -4.37 25.13 -22.90
CA LEU A 680 -5.09 24.49 -24.02
C LEU A 680 -4.13 24.07 -25.13
N ALA A 681 -3.14 24.92 -25.37
CA ALA A 681 -2.11 24.65 -26.37
C ALA A 681 -1.32 23.40 -26.02
N LEU A 682 -1.07 23.17 -24.74
CA LEU A 682 -0.27 22.04 -24.32
C LEU A 682 -1.05 20.72 -24.33
N GLY A 683 -2.34 20.79 -24.04
CA GLY A 683 -3.09 19.57 -23.78
C GLY A 683 -4.28 19.46 -24.68
N LYS A 684 -5.15 18.47 -24.39
CA LYS A 684 -6.37 18.22 -25.14
C LYS A 684 -7.55 19.05 -24.63
N LYS A 685 -8.22 19.70 -25.57
CA LYS A 685 -9.41 20.50 -25.31
C LYS A 685 -10.50 19.70 -24.59
N GLU A 686 -10.73 18.46 -25.02
CA GLU A 686 -11.80 17.64 -24.47
C GLU A 686 -11.59 17.46 -22.97
N ARG A 687 -10.41 16.96 -22.62
CA ARG A 687 -10.10 16.60 -21.23
C ARG A 687 -10.16 17.84 -20.36
N LEU A 688 -9.40 18.87 -20.72
CA LEU A 688 -9.29 20.06 -19.88
C LEU A 688 -10.64 20.77 -19.71
N GLU A 689 -11.42 20.84 -20.79
CA GLU A 689 -12.74 21.48 -20.74
C GLU A 689 -13.73 20.67 -19.91
N ARG A 690 -13.59 19.35 -19.96
CA ARG A 690 -14.46 18.48 -19.20
C ARG A 690 -14.20 18.66 -17.69
N LEU A 691 -12.93 18.56 -17.32
CA LEU A 691 -12.55 18.66 -15.93
C LEU A 691 -12.95 20.01 -15.39
N TYR A 692 -12.84 21.00 -16.26
CA TYR A 692 -13.10 22.38 -15.88
C TYR A 692 -14.59 22.58 -15.53
N HIS A 693 -15.47 21.97 -16.29
CA HIS A 693 -16.90 22.08 -16.00
C HIS A 693 -17.31 21.20 -14.81
N GLU A 694 -16.56 20.14 -14.59
CA GLU A 694 -16.83 19.27 -13.48
C GLU A 694 -16.63 20.02 -12.19
N LEU A 695 -15.54 20.75 -12.10
CA LEU A 695 -15.25 21.43 -10.84
C LEU A 695 -16.28 22.52 -10.50
N ILE A 696 -16.84 23.12 -11.54
CA ILE A 696 -17.78 24.20 -11.38
C ILE A 696 -19.15 23.62 -11.07
N ASN A 697 -19.56 22.64 -11.87
CA ASN A 697 -20.94 22.23 -11.90
C ASN A 697 -21.22 21.10 -10.93
N LYS A 698 -20.21 20.32 -10.55
CA LYS A 698 -20.47 19.14 -9.74
C LYS A 698 -19.49 19.09 -8.57
N ASP A 699 -18.24 18.71 -8.81
CA ASP A 699 -17.19 18.63 -7.79
C ASP A 699 -17.64 17.87 -6.58
N TRP A 700 -17.98 16.60 -6.79
CA TRP A 700 -18.70 15.82 -5.79
C TRP A 700 -17.87 15.62 -4.53
N PHE A 701 -16.56 15.58 -4.67
CA PHE A 701 -15.69 15.43 -3.50
C PHE A 701 -15.10 16.75 -3.01
N MET A 702 -15.74 17.87 -3.33
CA MET A 702 -15.47 19.11 -2.62
C MET A 702 -13.99 19.51 -2.68
N THR A 703 -13.50 19.68 -3.89
CA THR A 703 -12.18 20.21 -4.10
C THR A 703 -12.13 21.69 -3.68
N LEU A 704 -13.20 22.45 -3.97
CA LEU A 704 -13.21 23.88 -3.76
C LEU A 704 -13.43 24.32 -2.31
N ILE A 705 -13.91 23.41 -1.48
CA ILE A 705 -14.35 23.78 -0.13
C ILE A 705 -13.17 24.17 0.72
N ASP A 706 -12.07 23.45 0.60
CA ASP A 706 -10.88 23.70 1.46
C ASP A 706 -9.77 24.43 0.72
N LEU A 707 -10.00 24.73 -0.55
CA LEU A 707 -8.93 25.23 -1.41
C LEU A 707 -8.34 26.50 -0.85
N LYS A 708 -9.19 27.49 -0.61
CA LYS A 708 -8.76 28.79 -0.13
C LYS A 708 -7.99 28.70 1.17
N GLU A 709 -8.45 27.89 2.10
CA GLU A 709 -7.69 27.66 3.31
C GLU A 709 -6.43 26.81 3.10
N TYR A 710 -6.50 25.88 2.16
CA TYR A 710 -5.35 25.04 1.89
C TYR A 710 -4.20 25.86 1.39
N ILE A 711 -4.44 26.60 0.31
CA ILE A 711 -3.43 27.50 -0.24
C ILE A 711 -2.81 28.36 0.87
N ALA A 712 -3.66 28.97 1.67
CA ALA A 712 -3.19 29.81 2.77
C ALA A 712 -2.29 29.01 3.71
N LYS A 713 -2.66 27.77 4.01
CA LYS A 713 -1.95 27.02 5.03
C LYS A 713 -0.62 26.58 4.50
N LYS A 714 -0.58 26.35 3.20
CA LYS A 714 0.66 25.95 2.56
C LYS A 714 1.67 27.12 2.59
N GLU A 715 1.22 28.30 2.14
CA GLU A 715 2.09 29.49 2.13
C GLU A 715 2.70 29.79 3.52
N GLU A 716 1.88 29.69 4.55
CA GLU A 716 2.35 29.78 5.93
C GLU A 716 3.47 28.77 6.22
N MET A 717 3.22 27.52 5.79
CA MET A 717 4.13 26.42 6.04
C MET A 717 5.42 26.65 5.32
N LEU A 718 5.32 27.12 4.07
CA LEU A 718 6.51 27.45 3.30
C LEU A 718 7.35 28.53 3.98
N ALA A 719 6.71 29.60 4.42
CA ALA A 719 7.43 30.66 5.11
C ALA A 719 8.12 30.16 6.39
N ASP A 720 7.53 29.18 7.06
CA ASP A 720 8.08 28.63 8.31
C ASP A 720 9.31 27.78 8.06
N TYR A 721 9.49 27.41 6.78
CA TYR A 721 10.67 26.67 6.36
C TYR A 721 11.92 27.52 6.51
N GLU A 722 11.75 28.83 6.28
CA GLU A 722 12.87 29.78 6.21
C GLU A 722 13.65 29.87 7.48
N ASP A 723 13.05 29.51 8.60
CA ASP A 723 13.78 29.29 9.86
C ASP A 723 14.06 27.84 10.20
N GLN A 724 15.30 27.44 9.97
CA GLN A 724 15.68 26.02 10.04
C GLN A 724 15.85 25.50 11.45
N ASN A 725 15.86 26.38 12.44
CA ASN A 725 15.91 25.93 13.83
C ASN A 725 14.53 25.57 14.34
N VAL A 726 13.54 26.38 13.96
CA VAL A 726 12.16 26.14 14.34
C VAL A 726 11.58 24.98 13.57
N TRP A 727 11.83 24.96 12.27
CA TRP A 727 11.41 23.85 11.42
C TRP A 727 11.85 22.47 11.97
N ASN A 728 13.16 22.26 12.07
CA ASN A 728 13.70 20.97 12.45
C ASN A 728 13.43 20.65 13.92
N LYS A 729 12.99 21.64 14.67
CA LYS A 729 12.45 21.39 16.00
C LYS A 729 11.18 20.54 15.95
N LYS A 730 10.33 20.82 14.96
CA LYS A 730 9.08 20.10 14.74
C LYS A 730 9.37 18.74 14.11
N VAL A 731 10.37 18.71 13.25
CA VAL A 731 10.83 17.46 12.70
C VAL A 731 11.29 16.49 13.75
N ILE A 732 11.96 16.97 14.78
CA ILE A 732 12.37 16.12 15.88
C ILE A 732 11.14 15.70 16.64
N GLN A 733 10.16 16.59 16.74
CA GLN A 733 8.91 16.23 17.40
C GLN A 733 8.21 15.06 16.72
N ASN A 734 8.20 15.05 15.37
CA ASN A 734 7.57 14.01 14.57
C ASN A 734 8.32 12.68 14.71
N ILE A 735 9.60 12.67 14.37
CA ILE A 735 10.40 11.45 14.44
C ILE A 735 10.50 10.83 15.83
N ALA A 736 10.37 11.64 16.88
CA ALA A 736 10.45 11.13 18.25
C ALA A 736 9.21 10.37 18.64
N LYS A 737 8.14 10.59 17.88
CA LYS A 737 6.85 9.95 18.15
C LYS A 737 6.44 8.90 17.11
N ALA A 738 7.27 8.72 16.07
CA ALA A 738 6.96 7.79 14.96
C ALA A 738 7.04 6.32 15.39
N GLY A 739 7.68 6.04 16.56
CA GLY A 739 7.77 4.69 17.10
C GLY A 739 6.44 4.00 17.28
N PHE A 740 5.40 4.80 17.39
CA PHE A 740 4.04 4.30 17.57
C PHE A 740 3.55 3.48 16.37
N PHE A 741 4.05 3.77 15.18
CA PHE A 741 3.56 3.17 13.95
C PHE A 741 4.45 2.03 13.46
N SER A 742 5.27 1.46 14.33
CA SER A 742 6.03 0.28 13.97
C SER A 742 5.09 -0.86 13.68
N SER A 743 5.32 -1.54 12.58
CA SER A 743 4.52 -2.71 12.29
C SER A 743 4.80 -3.85 13.27
N ASP A 744 5.89 -3.77 14.02
CA ASP A 744 6.17 -4.80 15.02
C ASP A 744 5.25 -4.67 16.23
N ARG A 745 4.93 -3.45 16.59
CA ARG A 745 3.94 -3.23 17.63
C ARG A 745 2.56 -3.75 17.19
N THR A 746 2.16 -3.40 15.98
CA THR A 746 0.89 -3.81 15.39
C THR A 746 0.71 -5.34 15.33
N ILE A 747 1.71 -6.03 14.84
CA ILE A 747 1.66 -7.48 14.87
C ILE A 747 1.66 -8.05 16.28
N GLN A 748 2.46 -7.51 17.18
CA GLN A 748 2.45 -8.04 18.56
C GLN A 748 1.04 -8.00 19.06
N GLN A 749 0.31 -6.93 18.73
CA GLN A 749 -1.08 -6.80 19.17
C GLN A 749 -2.01 -7.79 18.50
N TYR A 750 -1.92 -7.92 17.17
CA TYR A 750 -2.65 -8.97 16.47
C TYR A 750 -2.43 -10.31 17.16
N ASP A 751 -1.19 -10.61 17.55
CA ASP A 751 -0.85 -11.95 18.04
C ASP A 751 -1.33 -12.12 19.44
N LYS A 752 -1.25 -11.07 20.23
CA LYS A 752 -1.66 -11.11 21.63
C LYS A 752 -3.17 -11.24 21.76
N ASP A 753 -3.90 -10.51 20.93
CA ASP A 753 -5.35 -10.39 21.07
C ASP A 753 -6.06 -11.43 20.21
N ILE A 754 -5.52 -11.76 19.04
CA ILE A 754 -6.28 -12.54 18.07
C ILE A 754 -5.65 -13.92 17.84
N TRP A 755 -4.41 -13.94 17.39
CA TRP A 755 -3.84 -15.17 16.88
C TRP A 755 -3.42 -16.12 17.95
N HIS A 756 -2.76 -15.60 18.99
CA HIS A 756 -2.17 -16.43 20.06
C HIS A 756 -1.20 -17.48 19.51
N SER A 757 -0.38 -17.09 18.55
CA SER A 757 0.49 -18.03 17.89
C SER A 757 1.65 -18.36 18.81
N LEU A 758 2.32 -17.34 19.32
CA LEU A 758 3.48 -17.53 20.21
C LEU A 758 3.16 -18.22 21.55
#